data_8UXQ
#
_entry.id   8UXQ
#
loop_
_entity.id
_entity.type
_entity.pdbx_description
1 polymer 'Chromobox protein homolog 5'
2 polymer 'Histone H3.2'
3 polymer 'Histone H4'
4 polymer 'Histone H2A.Z'
5 polymer 'Histone H2B 1.1'
6 polymer 'DNA Widom601 (208bp) strand1'
7 polymer 'DNA Widom601 (208bp) strand2'
#
loop_
_entity_poly.entity_id
_entity_poly.type
_entity_poly.pdbx_seq_one_letter_code
_entity_poly.pdbx_strand_id
1 'polypeptide(L)'
;GSPEFGKKTKRTADSSSSEDEEEYVVEKVLDRRVVKGQVEYLLKWKGFSEEHNTWEPEKNLDCPELISEFMKKYKKMKEG
ENNKPREKSESNKRKSNFSNSADDIKSKKKREQSNDIARGFERGLEPEKIIGATDSCGDLMFLMKWKDTDEADLVLAKEA
NVKCPQIVIAFYEERLTWHAYPEDAENKEKETAKS
;
A,C
2 'polypeptide(L)'
;ARTKQTARKSTGGKAPRKQLATKAARKSAPATGGVKKPHRYRPGTVALREIRRYQKSTELLIRKLPFQRLVREIAQDFKT
DLRFQSSAVMALQEASEAYLVALFEDTNLCAIHAKRVTIMPKDIQLARRIRGERA
;
E,K
3 'polypeptide(L)'
;SGRGKGGKGLGKGGAKRHRKVLRDNIQGITKPAIRRLARRGGVKRISGLIYEETRGVLKVFLENVIRDAVTYTEHAKRKT
VTAMDVVYALKRQGRTLYGFGG
;
F,L
4 'polypeptide(L)'
;AGGKAGKDSGKAKTKAVSRSQRAGLQFPVGRIHRHLKSRTTSHGRVGATAAVYSAAILEYLTAEVLELAGNASKDLKVKR
ITPRHLQLAIRGDEELDSLIKATIAGGGVIPHIHKSLIGKKGQQKTV
;
G,M
5 'polypeptide(L)'
;PEPAKSAPAPKKGSKKAVTKTQKKDGKKRRKTRKESYAIYVYKVLKQVHPDTGISSKAMSIMNSFVNDVFERIAGEASRL
AHYNKRSTITSREIQTAVRLLLPGELAKHAVSEGTKAVTKYTSAK
;
H,N
6 'polydeoxyribonucleotide'
;(DA)(DC)(DT)(DC)(DC)(DG)(DG)(DC)(DA)(DA)(DG)(DG)(DT)(DC)(DG)(DC)(DT)(DG)(DT)(DT)
(DC)(DA)(DA)(DT)(DA)(DC)(DA)(DT)(DG)(DC)(DA)(DC)(DA)(DG)(DG)(DA)(DT)(DG)(DT)(DA)
(DT)(DA)(DT)(DA)(DT)(DC)(DT)(DG)(DA)(DC)(DA)(DC)(DG)(DT)(DG)(DC)(DC)(DT)(DG)(DG)
(DA)(DG)(DA)(DC)(DT)(DA)(DG)(DG)(DG)(DA)(DG)(DT)(DA)(DA)(DT)(DC)(DC)(DC)(DC)(DT)
(DT)(DG)(DG)(DC)(DG)(DG)(DT)(DT)(DA)(DA)(DA)(DA)(DC)(DG)(DC)(DG)(DG)(DG)(DG)(DG)
(DA)(DC)(DA)(DG)(DC)(DG)(DC)(DG)(DT)(DA)(DC)(DG)(DT)(DG)(DC)(DG)(DT)(DT)(DT)(DA)
(DA)(DG)(DC)(DG)(DG)(DT)(DG)(DC)(DT)(DA)(DG)(DA)(DG)(DC)(DT)(DG)(DT)(DC)(DT)(DA)
(DC)(DG)(DA)(DC)(DC)(DA)(DA)(DT)(DT)(DG)(DA)(DG)(DC)(DG)(DG)(DC)(DC)(DT)(DC)(DG)
(DG)(DC)(DA)(DC)(DC)(DG)(DG)(DG)(DA)(DT)(DT)(DC)(DT)(DC)(DC)(DA)(DG)(DG)(DG)(DC)
(DG)(DG)(DC)(DC)(DG)(DC)(DG)(DT)(DA)(DT)(DA)(DG)(DG)(DG)(DT)(DC)(DC)(DA)(DT)(DC)
(DA)(DC)(DA)(DT)(DA)(DA)(DG)(DT)
;
I
7 'polydeoxyribonucleotide'
;(DA)(DC)(DT)(DT)(DA)(DT)(DG)(DT)(DG)(DA)(DT)(DG)(DG)(DA)(DC)(DC)(DC)(DT)(DA)(DT)
(DA)(DC)(DG)(DC)(DG)(DG)(DC)(DC)(DG)(DC)(DC)(DC)(DT)(DG)(DG)(DA)(DG)(DA)(DA)(DT)
(DC)(DC)(DC)(DG)(DG)(DT)(DG)(DC)(DC)(DG)(DA)(DG)(DG)(DC)(DC)(DG)(DC)(DT)(DC)(DA)
(DA)(DT)(DT)(DG)(DG)(DT)(DC)(DG)(DT)(DA)(DG)(DA)(DC)(DA)(DG)(DC)(DT)(DC)(DT)(DA)
(DG)(DC)(DA)(DC)(DC)(DG)(DC)(DT)(DT)(DA)(DA)(DA)(DC)(DG)(DC)(DA)(DC)(DG)(DT)(DA)
(DC)(DG)(DC)(DG)(DC)(DT)(DG)(DT)(DC)(DC)(DC)(DC)(DC)(DG)(DC)(DG)(DT)(DT)(DT)(DT)
(DA)(DA)(DC)(DC)(DG)(DC)(DC)(DA)(DA)(DG)(DG)(DG)(DG)(DA)(DT)(DT)(DA)(DC)(DT)(DC)
(DC)(DC)(DT)(DA)(DG)(DT)(DC)(DT)(DC)(DC)(DA)(DG)(DG)(DC)(DA)(DC)(DG)(DT)(DG)(DT)
(DC)(DA)(DG)(DA)(DT)(DA)(DT)(DA)(DT)(DA)(DC)(DA)(DT)(DC)(DC)(DT)(DG)(DT)(DG)(DC)
(DA)(DT)(DG)(DT)(DA)(DT)(DT)(DG)(DA)(DA)(DC)(DA)(DG)(DC)(DG)(DA)(DC)(DC)(DT)(DT)
(DG)(DC)(DC)(DG)(DG)(DA)(DG)(DT)
;
J
#
loop_
_chem_comp.id
_chem_comp.type
_chem_comp.name
_chem_comp.formula
DA DNA linking 2'-DEOXYADENOSINE-5'-MONOPHOSPHATE 'C10 H14 N5 O6 P'
DC DNA linking 2'-DEOXYCYTIDINE-5'-MONOPHOSPHATE 'C9 H14 N3 O7 P'
DG DNA linking 2'-DEOXYGUANOSINE-5'-MONOPHOSPHATE 'C10 H14 N5 O7 P'
DT DNA linking THYMIDINE-5'-MONOPHOSPHATE 'C10 H15 N2 O8 P'
#
# COMPACT_ATOMS: atom_id res chain seq x y z
N VAL A 26 -40.85 -16.48 -10.72
CA VAL A 26 -39.78 -17.01 -9.90
C VAL A 26 -39.14 -18.22 -10.56
N GLU A 27 -38.21 -17.96 -11.49
CA GLU A 27 -37.53 -19.03 -12.21
C GLU A 27 -36.13 -18.59 -12.63
N LYS A 28 -36.05 -17.72 -13.62
CA LYS A 28 -34.77 -17.21 -14.12
C LYS A 28 -34.92 -15.73 -14.43
N VAL A 29 -34.09 -14.91 -13.77
CA VAL A 29 -34.12 -13.47 -13.97
C VAL A 29 -33.21 -13.11 -15.13
N LEU A 30 -33.65 -12.17 -15.97
CA LEU A 30 -32.88 -11.74 -17.11
C LEU A 30 -32.75 -10.23 -17.14
N ASP A 31 -33.87 -9.52 -17.03
CA ASP A 31 -33.87 -8.06 -17.04
C ASP A 31 -33.44 -7.52 -15.69
N ARG A 32 -32.69 -6.42 -15.72
CA ARG A 32 -32.20 -5.79 -14.50
C ARG A 32 -31.99 -4.31 -14.77
N ARG A 33 -32.67 -3.46 -14.01
CA ARG A 33 -32.56 -2.02 -14.16
C ARG A 33 -32.76 -1.35 -12.82
N VAL A 34 -32.26 -0.12 -12.70
CA VAL A 34 -32.37 0.67 -11.49
C VAL A 34 -33.34 1.80 -11.76
N VAL A 35 -34.47 1.80 -11.05
CA VAL A 35 -35.51 2.82 -11.19
C VAL A 35 -35.60 3.57 -9.86
N LYS A 36 -35.15 4.83 -9.87
CA LYS A 36 -35.18 5.68 -8.68
C LYS A 36 -34.42 5.04 -7.52
N GLY A 37 -33.24 4.51 -7.81
CA GLY A 37 -32.42 3.88 -6.80
C GLY A 37 -32.89 2.53 -6.35
N GLN A 38 -33.83 1.90 -7.06
CA GLN A 38 -34.36 0.58 -6.72
C GLN A 38 -34.05 -0.37 -7.87
N VAL A 39 -33.22 -1.37 -7.60
CA VAL A 39 -32.83 -2.35 -8.60
C VAL A 39 -33.98 -3.34 -8.76
N GLU A 40 -34.66 -3.30 -9.90
CA GLU A 40 -35.77 -4.20 -10.16
C GLU A 40 -35.27 -5.58 -10.54
N TYR A 41 -36.17 -6.56 -10.45
CA TYR A 41 -35.85 -7.95 -10.77
C TYR A 41 -37.05 -8.55 -11.48
N LEU A 42 -36.93 -8.78 -12.78
CA LEU A 42 -38.01 -9.37 -13.58
C LEU A 42 -38.02 -10.88 -13.35
N LEU A 43 -38.83 -11.31 -12.39
CA LEU A 43 -38.93 -12.72 -12.06
C LEU A 43 -39.82 -13.42 -13.10
N LYS A 44 -39.30 -14.49 -13.70
CA LYS A 44 -40.03 -15.24 -14.71
C LYS A 44 -41.02 -16.18 -14.03
N TRP A 45 -42.29 -16.06 -14.38
CA TRP A 45 -43.32 -16.90 -13.80
C TRP A 45 -43.31 -18.29 -14.44
N LYS A 46 -43.58 -19.30 -13.63
CA LYS A 46 -43.60 -20.68 -14.10
C LYS A 46 -44.89 -20.95 -14.85
N GLY A 47 -44.77 -21.27 -16.13
CA GLY A 47 -45.94 -21.55 -16.96
C GLY A 47 -46.59 -20.32 -17.54
N PHE A 48 -45.80 -19.34 -17.95
CA PHE A 48 -46.32 -18.11 -18.53
C PHE A 48 -45.45 -17.69 -19.71
N SER A 49 -45.95 -16.77 -20.51
CA SER A 49 -45.24 -16.27 -21.67
C SER A 49 -44.36 -15.08 -21.28
N GLU A 50 -43.69 -14.51 -22.28
CA GLU A 50 -42.82 -13.35 -22.04
C GLU A 50 -43.59 -12.05 -21.94
N GLU A 51 -44.83 -12.01 -22.42
CA GLU A 51 -45.63 -10.79 -22.37
C GLU A 51 -46.35 -10.61 -21.04
N HIS A 52 -46.36 -11.62 -20.18
CA HIS A 52 -47.02 -11.55 -18.88
C HIS A 52 -46.03 -11.30 -17.74
N ASN A 53 -44.77 -11.01 -18.05
CA ASN A 53 -43.77 -10.75 -17.02
C ASN A 53 -43.91 -9.32 -16.53
N THR A 54 -44.07 -9.15 -15.21
CA THR A 54 -44.23 -7.85 -14.60
C THR A 54 -43.09 -7.62 -13.61
N TRP A 55 -42.89 -6.35 -13.25
CA TRP A 55 -41.85 -5.97 -12.30
C TRP A 55 -42.30 -6.29 -10.88
N GLU A 56 -41.56 -7.16 -10.21
CA GLU A 56 -41.88 -7.54 -8.84
C GLU A 56 -40.87 -6.92 -7.87
N PRO A 57 -41.25 -5.88 -7.12
CA PRO A 57 -40.32 -5.27 -6.19
C PRO A 57 -40.00 -6.19 -5.02
N GLU A 58 -38.84 -5.95 -4.41
CA GLU A 58 -38.39 -6.74 -3.27
C GLU A 58 -39.14 -6.29 -2.03
N LYS A 59 -40.15 -7.06 -1.63
CA LYS A 59 -40.94 -6.74 -0.46
C LYS A 59 -41.47 -8.01 0.21
N ASN A 60 -41.68 -9.06 -0.59
CA ASN A 60 -42.18 -10.33 -0.06
C ASN A 60 -41.68 -11.44 -0.99
N LEU A 61 -40.54 -12.03 -0.61
CA LEU A 61 -39.93 -13.11 -1.38
C LEU A 61 -39.32 -14.12 -0.43
N ASP A 62 -38.91 -15.26 -0.99
CA ASP A 62 -38.31 -16.35 -0.22
C ASP A 62 -37.38 -17.13 -1.16
N CYS A 63 -36.26 -16.50 -1.52
CA CYS A 63 -35.29 -17.12 -2.41
C CYS A 63 -33.90 -16.59 -2.12
N PRO A 64 -33.23 -17.11 -1.08
CA PRO A 64 -31.87 -16.62 -0.78
C PRO A 64 -30.82 -17.11 -1.75
N GLU A 65 -31.07 -18.19 -2.49
CA GLU A 65 -30.10 -18.70 -3.44
C GLU A 65 -30.27 -18.14 -4.85
N LEU A 66 -31.49 -17.71 -5.19
CA LEU A 66 -31.72 -17.16 -6.53
C LEU A 66 -31.05 -15.81 -6.70
N ILE A 67 -30.88 -15.05 -5.62
CA ILE A 67 -30.20 -13.76 -5.72
C ILE A 67 -28.70 -13.96 -5.92
N SER A 68 -28.12 -14.99 -5.30
CA SER A 68 -26.70 -15.26 -5.46
C SER A 68 -26.39 -15.96 -6.77
N GLU A 69 -27.33 -16.77 -7.28
CA GLU A 69 -27.11 -17.47 -8.54
C GLU A 69 -27.37 -16.60 -9.75
N PHE A 70 -28.04 -15.45 -9.58
CA PHE A 70 -28.32 -14.57 -10.70
C PHE A 70 -27.11 -13.72 -11.07
N MET A 71 -26.37 -13.24 -10.07
CA MET A 71 -25.19 -12.42 -10.31
C MET A 71 -23.97 -13.22 -10.72
N LYS A 72 -24.04 -14.56 -10.67
CA LYS A 72 -22.90 -15.38 -11.07
C LYS A 72 -22.72 -15.38 -12.58
N LYS A 73 -23.80 -15.19 -13.34
CA LYS A 73 -23.74 -15.18 -14.79
C LYS A 73 -23.79 -13.77 -15.37
N TYR A 74 -24.10 -12.75 -14.56
CA TYR A 74 -24.15 -11.40 -15.07
C TYR A 74 -22.76 -10.81 -15.28
N LYS A 75 -21.80 -11.15 -14.43
CA LYS A 75 -20.44 -10.64 -14.57
C LYS A 75 -19.71 -11.28 -15.74
N LYS A 76 -20.16 -12.44 -16.20
CA LYS A 76 -19.49 -13.10 -17.33
C LYS A 76 -19.81 -12.42 -18.65
N MET A 77 -20.99 -11.80 -18.76
CA MET A 77 -21.36 -11.13 -20.01
C MET A 77 -20.63 -9.81 -20.18
N LYS A 78 -20.27 -9.13 -19.08
CA LYS A 78 -19.56 -7.87 -19.16
C LYS A 78 -18.10 -8.04 -19.55
N GLU A 79 -17.51 -9.20 -19.29
CA GLU A 79 -16.12 -9.46 -19.63
C GLU A 79 -15.97 -10.34 -20.87
N GLY A 80 -17.07 -10.71 -21.53
CA GLY A 80 -16.97 -11.53 -22.72
C GLY A 80 -16.60 -10.79 -23.98
N GLU A 81 -16.63 -9.46 -23.95
CA GLU A 81 -16.28 -8.65 -25.11
C GLU A 81 -14.76 -8.65 -25.29
N ASN A 82 -14.27 -9.37 -26.29
CA ASN A 82 -12.85 -9.47 -26.56
C ASN A 82 -12.43 -8.24 -27.37
N ASN A 83 -11.95 -7.21 -26.66
CA ASN A 83 -11.49 -5.96 -27.29
C ASN A 83 -12.59 -5.32 -28.13
N LYS A 84 -13.83 -5.40 -27.63
CA LYS A 84 -15.02 -4.84 -28.27
C LYS A 84 -15.17 -5.39 -29.69
N PRO A 85 -15.75 -6.57 -29.85
CA PRO A 85 -15.93 -7.12 -31.20
C PRO A 85 -16.99 -6.37 -31.97
N ARG A 86 -16.69 -6.09 -33.24
CA ARG A 86 -17.61 -5.37 -34.11
C ARG A 86 -17.37 -5.80 -35.55
N GLU A 87 -18.44 -6.23 -36.23
CA GLU A 87 -18.35 -6.66 -37.61
C GLU A 87 -18.72 -5.49 -38.53
N LYS A 88 -18.89 -5.79 -39.82
CA LYS A 88 -19.25 -4.77 -40.80
C LYS A 88 -20.73 -4.75 -41.15
N SER A 89 -21.49 -5.76 -40.72
CA SER A 89 -22.92 -5.84 -40.98
C SER A 89 -23.76 -5.31 -39.82
N GLU A 90 -23.19 -4.44 -39.00
CA GLU A 90 -23.88 -3.86 -37.83
C GLU A 90 -24.31 -4.99 -36.90
N SER A 91 -25.46 -4.82 -36.24
CA SER A 91 -26.01 -5.82 -35.32
C SER A 91 -25.01 -6.15 -34.21
N ASN A 92 -24.32 -5.13 -33.72
CA ASN A 92 -23.33 -5.28 -32.64
C ASN A 92 -23.35 -4.00 -31.80
N LYS A 93 -24.44 -3.82 -31.05
CA LYS A 93 -24.60 -2.67 -30.19
C LYS A 93 -24.05 -2.97 -28.80
N ARG A 94 -23.13 -2.13 -28.33
CA ARG A 94 -22.52 -2.29 -27.02
C ARG A 94 -23.01 -1.20 -26.08
N LYS A 95 -23.10 -1.55 -24.80
CA LYS A 95 -23.56 -0.61 -23.79
C LYS A 95 -23.02 -1.05 -22.44
N SER A 96 -22.75 -0.07 -21.57
CA SER A 96 -22.23 -0.37 -20.24
C SER A 96 -23.34 -0.85 -19.31
N ASN A 97 -24.47 -0.15 -19.30
CA ASN A 97 -25.60 -0.52 -18.45
C ASN A 97 -26.89 -0.03 -19.11
N PHE A 98 -28.01 -0.56 -18.63
CA PHE A 98 -29.31 -0.18 -19.16
C PHE A 98 -29.80 1.16 -18.65
N SER A 99 -29.22 1.66 -17.56
CA SER A 99 -29.61 2.95 -16.99
C SER A 99 -28.45 3.92 -16.88
N ASN A 100 -27.35 3.66 -17.60
CA ASN A 100 -26.16 4.52 -17.58
C ASN A 100 -25.64 4.73 -16.16
N SER A 101 -24.98 3.70 -15.62
CA SER A 101 -24.42 3.74 -14.26
C SER A 101 -25.47 4.07 -13.22
N ALA A 102 -26.65 3.48 -13.38
CA ALA A 102 -27.81 3.66 -12.47
C ALA A 102 -28.13 5.16 -12.43
N ASP A 103 -28.51 5.70 -11.28
CA ASP A 103 -28.84 7.11 -11.14
C ASP A 103 -27.79 7.92 -10.39
N ASP A 104 -27.10 7.32 -9.43
CA ASP A 104 -26.07 8.02 -8.65
C ASP A 104 -24.76 7.97 -9.45
N ILE A 105 -24.64 8.90 -10.39
CA ILE A 105 -23.46 9.01 -11.23
C ILE A 105 -22.47 9.98 -10.59
N LYS A 106 -21.19 9.79 -10.91
CA LYS A 106 -20.14 10.65 -10.37
C LYS A 106 -19.19 11.22 -11.42
N SER A 107 -19.08 10.59 -12.59
CA SER A 107 -18.20 11.08 -13.63
C SER A 107 -18.91 12.13 -14.48
N LYS A 108 -18.19 12.64 -15.50
CA LYS A 108 -18.71 13.66 -16.40
C LYS A 108 -19.19 14.89 -15.65
N LYS A 109 -20.46 14.90 -15.26
CA LYS A 109 -21.03 16.02 -14.53
C LYS A 109 -20.66 15.93 -13.05
N LYS A 110 -21.05 16.95 -12.29
CA LYS A 110 -20.76 17.00 -10.86
C LYS A 110 -22.06 17.09 -10.05
N ARG A 111 -21.95 17.50 -8.79
CA ARG A 111 -23.03 17.63 -7.83
C ARG A 111 -24.10 16.55 -7.99
N GLU A 112 -23.67 15.30 -8.17
CA GLU A 112 -24.51 14.12 -8.41
C GLU A 112 -25.77 14.44 -9.20
N GLN A 113 -26.90 13.86 -8.79
CA GLN A 113 -28.21 14.05 -9.44
C GLN A 113 -28.07 13.58 -10.89
N SER A 114 -28.59 14.34 -11.86
CA SER A 114 -28.49 13.95 -13.26
C SER A 114 -28.08 15.13 -14.13
N ASN A 115 -28.53 15.13 -15.38
CA ASN A 115 -28.21 16.22 -16.32
C ASN A 115 -29.22 17.34 -16.11
N ASP A 116 -28.85 18.29 -15.24
CA ASP A 116 -29.72 19.41 -14.97
C ASP A 116 -29.58 20.51 -16.01
N ILE A 117 -28.35 20.76 -16.47
CA ILE A 117 -28.07 21.78 -17.47
C ILE A 117 -27.44 21.10 -18.67
N ALA A 118 -28.11 21.17 -19.83
CA ALA A 118 -27.64 20.57 -21.06
C ALA A 118 -27.77 21.56 -22.21
N ARG A 119 -27.29 22.78 -22.00
CA ARG A 119 -27.33 23.83 -23.00
C ARG A 119 -25.94 24.43 -23.18
N GLY A 120 -25.60 24.71 -24.44
CA GLY A 120 -24.30 25.28 -24.75
C GLY A 120 -23.91 25.11 -26.20
N PHE A 121 -24.37 24.02 -26.82
CA PHE A 121 -24.07 23.74 -28.21
C PHE A 121 -25.03 24.42 -29.19
N GLU A 122 -26.08 25.07 -28.69
CA GLU A 122 -27.03 25.73 -29.56
C GLU A 122 -26.55 27.10 -30.03
N ARG A 123 -25.54 27.66 -29.37
CA ARG A 123 -25.00 28.97 -29.74
C ARG A 123 -23.80 28.85 -30.69
N GLY A 124 -22.84 27.99 -30.34
CA GLY A 124 -21.67 27.81 -31.17
C GLY A 124 -20.67 28.94 -31.05
N LEU A 125 -19.86 28.91 -30.00
CA LEU A 125 -18.85 29.93 -29.75
C LEU A 125 -17.47 29.27 -29.71
N GLU A 126 -16.46 30.06 -29.33
CA GLU A 126 -15.09 29.58 -29.24
C GLU A 126 -14.63 29.52 -27.79
N PRO A 127 -13.88 28.49 -27.41
CA PRO A 127 -13.40 28.40 -26.03
C PRO A 127 -12.30 29.41 -25.75
N GLU A 128 -12.27 29.87 -24.50
CA GLU A 128 -11.27 30.85 -24.09
C GLU A 128 -9.91 30.19 -23.88
N LYS A 129 -9.79 29.37 -22.84
CA LYS A 129 -8.55 28.67 -22.55
C LYS A 129 -8.87 27.32 -21.93
N ILE A 130 -7.83 26.51 -21.77
CA ILE A 130 -7.94 25.17 -21.20
C ILE A 130 -7.25 25.17 -19.84
N ILE A 131 -8.01 24.94 -18.78
CA ILE A 131 -7.47 24.92 -17.43
C ILE A 131 -7.55 23.50 -16.88
N GLY A 132 -7.12 23.32 -15.63
CA GLY A 132 -7.15 22.02 -14.98
C GLY A 132 -8.40 21.81 -14.14
N ALA A 133 -8.55 20.57 -13.68
CA ALA A 133 -9.69 20.20 -12.85
C ALA A 133 -9.22 19.13 -11.86
N THR A 134 -10.17 18.38 -11.31
CA THR A 134 -9.85 17.33 -10.34
C THR A 134 -9.51 16.04 -11.09
N ASP A 135 -8.45 15.38 -10.65
CA ASP A 135 -8.03 14.13 -11.27
C ASP A 135 -8.84 12.96 -10.75
N SER A 136 -9.00 11.95 -11.59
CA SER A 136 -9.75 10.75 -11.24
C SER A 136 -9.16 9.56 -12.00
N CYS A 137 -9.74 8.39 -11.74
CA CYS A 137 -9.30 7.16 -12.40
C CYS A 137 -10.20 6.85 -13.59
N GLY A 138 -10.14 7.73 -14.58
CA GLY A 138 -10.94 7.58 -15.77
C GLY A 138 -12.14 8.50 -15.81
N ASP A 139 -12.44 9.05 -16.99
CA ASP A 139 -13.56 9.97 -17.20
C ASP A 139 -13.47 11.17 -16.26
N LEU A 140 -12.53 12.05 -16.60
CA LEU A 140 -12.30 13.25 -15.81
C LEU A 140 -13.36 14.30 -16.12
N MET A 141 -13.56 15.20 -15.16
CA MET A 141 -14.55 16.29 -15.30
C MET A 141 -13.94 17.37 -16.18
N PHE A 142 -14.22 17.30 -17.48
CA PHE A 142 -13.72 18.27 -18.43
C PHE A 142 -14.56 19.53 -18.35
N LEU A 143 -13.97 20.62 -17.85
CA LEU A 143 -14.66 21.89 -17.71
C LEU A 143 -14.45 22.71 -18.98
N MET A 144 -15.55 23.17 -19.57
CA MET A 144 -15.52 23.96 -20.80
C MET A 144 -15.91 25.40 -20.47
N LYS A 145 -15.03 26.33 -20.80
CA LYS A 145 -15.27 27.75 -20.55
C LYS A 145 -16.02 28.38 -21.72
N TRP A 146 -16.49 29.60 -21.51
CA TRP A 146 -17.23 30.34 -22.52
C TRP A 146 -16.78 31.80 -22.50
N LYS A 147 -17.09 32.50 -23.59
CA LYS A 147 -16.74 33.90 -23.72
C LYS A 147 -17.70 34.78 -22.93
N ASP A 148 -17.29 36.02 -22.72
CA ASP A 148 -18.08 37.01 -21.98
C ASP A 148 -18.42 36.52 -20.58
N THR A 149 -19.51 35.77 -20.46
CA THR A 149 -19.92 35.24 -19.17
C THR A 149 -19.02 34.08 -18.75
N ASP A 150 -19.06 33.76 -17.45
CA ASP A 150 -18.27 32.67 -16.91
C ASP A 150 -19.14 31.47 -16.61
N GLU A 151 -19.97 31.07 -17.58
CA GLU A 151 -20.84 29.91 -17.40
C GLU A 151 -20.05 28.62 -17.56
N ALA A 152 -20.24 27.71 -16.62
CA ALA A 152 -19.56 26.42 -16.61
C ALA A 152 -20.54 25.34 -17.06
N ASP A 153 -20.21 24.66 -18.15
CA ASP A 153 -21.04 23.60 -18.71
C ASP A 153 -20.19 22.38 -19.00
N LEU A 154 -20.71 21.20 -18.64
CA LEU A 154 -20.02 19.93 -18.85
C LEU A 154 -20.88 19.04 -19.73
N VAL A 155 -20.29 18.53 -20.80
CA VAL A 155 -20.99 17.66 -21.73
C VAL A 155 -20.82 16.20 -21.29
N LEU A 156 -21.76 15.36 -21.70
CA LEU A 156 -21.73 13.94 -21.36
C LEU A 156 -22.41 13.11 -22.43
N ALA A 157 -23.28 13.73 -23.21
CA ALA A 157 -23.99 13.03 -24.27
C ALA A 157 -23.10 12.84 -25.49
N LYS A 158 -23.35 11.76 -26.23
CA LYS A 158 -22.60 11.44 -27.42
C LYS A 158 -23.14 12.12 -28.68
N GLU A 159 -24.31 12.76 -28.59
CA GLU A 159 -24.89 13.42 -29.75
C GLU A 159 -24.22 14.75 -30.07
N ALA A 160 -23.54 15.36 -29.09
CA ALA A 160 -22.87 16.63 -29.33
C ALA A 160 -21.59 16.49 -30.13
N ASN A 161 -20.99 15.30 -30.16
CA ASN A 161 -19.76 15.06 -30.90
C ASN A 161 -20.01 14.65 -32.35
N VAL A 162 -21.25 14.66 -32.80
CA VAL A 162 -21.58 14.28 -34.17
C VAL A 162 -21.87 15.50 -35.04
N LYS A 163 -22.56 16.49 -34.48
CA LYS A 163 -22.88 17.69 -35.26
C LYS A 163 -21.65 18.57 -35.45
N CYS A 164 -20.79 18.64 -34.45
CA CYS A 164 -19.57 19.45 -34.50
C CYS A 164 -18.43 18.66 -33.85
N PRO A 165 -17.81 17.75 -34.61
CA PRO A 165 -16.71 16.96 -34.04
C PRO A 165 -15.38 17.71 -33.95
N GLN A 166 -15.25 18.86 -34.61
CA GLN A 166 -13.99 19.59 -34.56
C GLN A 166 -13.81 20.30 -33.22
N ILE A 167 -14.90 20.77 -32.63
CA ILE A 167 -14.82 21.45 -31.34
C ILE A 167 -14.44 20.47 -30.24
N VAL A 168 -14.91 19.23 -30.33
CA VAL A 168 -14.57 18.22 -29.33
C VAL A 168 -13.11 17.80 -29.48
N ILE A 169 -12.58 17.81 -30.70
CA ILE A 169 -11.19 17.42 -30.91
C ILE A 169 -10.25 18.54 -30.48
N ALA A 170 -10.56 19.78 -30.85
CA ALA A 170 -9.70 20.91 -30.49
C ALA A 170 -9.78 21.27 -29.01
N PHE A 171 -10.76 20.73 -28.28
CA PHE A 171 -10.87 21.05 -26.86
C PHE A 171 -9.79 20.34 -26.06
N TYR A 172 -9.52 19.08 -26.36
CA TYR A 172 -8.51 18.29 -25.66
C TYR A 172 -7.14 18.72 -26.15
N GLU A 173 -6.44 19.52 -25.36
CA GLU A 173 -5.12 19.99 -25.73
C GLU A 173 -4.14 19.84 -24.57
N GLU A 174 -4.32 20.65 -23.51
CA GLU A 174 -3.47 20.61 -22.34
C GLU A 174 -4.36 20.76 -21.10
N ARG A 175 -5.15 19.72 -20.81
CA ARG A 175 -6.04 19.72 -19.66
C ARG A 175 -5.34 19.24 -18.40
N LEU A 176 -4.85 18.00 -18.40
CA LEU A 176 -4.15 17.42 -17.27
C LEU A 176 -2.68 17.25 -17.63
N THR A 177 -1.81 17.89 -16.86
CA THR A 177 -0.37 17.82 -17.10
C THR A 177 0.15 16.48 -16.59
N TRP A 178 0.61 15.64 -17.51
CA TRP A 178 1.14 14.32 -17.17
C TRP A 178 2.49 14.15 -17.87
N HIS A 179 3.57 14.16 -17.08
CA HIS A 179 4.91 14.02 -17.64
C HIS A 179 5.20 12.56 -17.98
N ALA A 180 5.81 11.83 -17.05
CA ALA A 180 6.15 10.44 -17.26
C ALA A 180 6.10 9.73 -15.90
N TYR A 181 6.52 8.46 -15.88
CA TYR A 181 6.52 7.69 -14.65
C TYR A 181 7.70 8.10 -13.78
N PRO A 182 7.52 8.10 -12.45
CA PRO A 182 8.65 8.47 -11.57
C PRO A 182 9.79 7.46 -11.60
N GLU A 183 9.51 6.20 -11.92
CA GLU A 183 10.56 5.19 -11.98
C GLU A 183 11.43 5.32 -13.22
N ASP A 184 10.87 5.76 -14.34
CA ASP A 184 11.63 5.90 -15.58
C ASP A 184 12.53 7.13 -15.59
N ALA A 185 12.16 8.19 -14.86
CA ALA A 185 12.97 9.40 -14.83
C ALA A 185 14.24 9.24 -14.01
N GLU A 186 14.23 8.35 -13.01
CA GLU A 186 15.41 8.14 -12.18
C GLU A 186 16.51 7.36 -12.89
N ASN A 187 16.18 6.62 -13.95
CA ASN A 187 17.20 5.85 -14.66
C ASN A 187 18.06 6.76 -15.54
N LYS A 188 17.46 7.74 -16.20
CA LYS A 188 18.21 8.65 -17.06
C LYS A 188 19.02 9.66 -16.27
N GLU A 189 18.59 10.01 -15.06
CA GLU A 189 19.33 10.97 -14.24
C GLU A 189 20.58 10.37 -13.62
N LYS A 190 20.64 9.06 -13.46
CA LYS A 190 21.80 8.40 -12.87
C LYS A 190 22.95 8.23 -13.85
N GLU A 191 22.70 8.32 -15.16
CA GLU A 191 23.75 8.15 -16.14
C GLU A 191 24.60 9.41 -16.31
N THR A 192 24.10 10.57 -15.87
CA THR A 192 24.84 11.82 -15.98
C THR A 192 25.81 12.04 -14.83
N ALA A 193 25.84 11.14 -13.85
CA ALA A 193 26.74 11.29 -12.71
C ALA A 193 27.51 10.01 -12.39
N LYS A 194 27.29 8.93 -13.14
CA LYS A 194 28.01 7.69 -12.87
C LYS A 194 29.44 7.74 -13.38
N SER A 195 29.62 8.15 -14.64
CA SER A 195 30.95 8.24 -15.23
C SER A 195 31.69 9.46 -14.70
N VAL B 26 24.17 -14.44 -29.60
CA VAL B 26 22.81 -13.97 -29.37
C VAL B 26 22.51 -13.92 -27.88
N GLU B 27 22.18 -12.73 -27.38
CA GLU B 27 21.87 -12.53 -25.97
C GLU B 27 20.37 -12.40 -25.73
N LYS B 28 19.74 -11.37 -26.30
CA LYS B 28 18.31 -11.16 -26.14
C LYS B 28 17.77 -10.51 -27.40
N VAL B 29 16.43 -10.51 -27.51
CA VAL B 29 15.74 -9.92 -28.65
C VAL B 29 15.28 -8.53 -28.27
N LEU B 30 15.66 -7.54 -29.08
CA LEU B 30 15.29 -6.15 -28.84
C LEU B 30 14.33 -5.62 -29.89
N ASP B 31 14.65 -5.77 -31.17
CA ASP B 31 13.82 -5.30 -32.27
C ASP B 31 13.00 -6.46 -32.82
N ARG B 32 11.70 -6.22 -33.01
CA ARG B 32 10.81 -7.26 -33.53
C ARG B 32 9.66 -6.57 -34.26
N ARG B 33 9.62 -6.74 -35.58
CA ARG B 33 8.57 -6.14 -36.40
C ARG B 33 7.89 -7.22 -37.23
N VAL B 34 6.61 -6.99 -37.51
CA VAL B 34 5.79 -7.92 -38.30
C VAL B 34 5.48 -7.23 -39.62
N VAL B 35 6.24 -7.56 -40.66
CA VAL B 35 6.07 -6.98 -41.98
C VAL B 35 5.70 -8.07 -42.96
N LYS B 36 4.69 -7.81 -43.80
CA LYS B 36 4.21 -8.75 -44.81
C LYS B 36 3.80 -10.08 -44.20
N GLY B 37 3.21 -10.05 -43.00
CA GLY B 37 2.78 -11.26 -42.36
C GLY B 37 3.88 -12.19 -41.90
N GLN B 38 5.08 -11.66 -41.68
CA GLN B 38 6.23 -12.45 -41.24
C GLN B 38 6.84 -11.79 -40.02
N VAL B 39 7.09 -12.60 -38.98
CA VAL B 39 7.68 -12.10 -37.74
C VAL B 39 9.17 -12.41 -37.76
N GLU B 40 9.99 -11.37 -37.83
CA GLU B 40 11.43 -11.48 -37.86
C GLU B 40 12.03 -10.93 -36.57
N TYR B 41 13.04 -11.63 -36.06
CA TYR B 41 13.71 -11.23 -34.83
C TYR B 41 15.08 -10.64 -35.14
N LEU B 42 15.58 -9.85 -34.19
CA LEU B 42 16.88 -9.20 -34.33
C LEU B 42 17.97 -10.06 -33.72
N LEU B 43 19.09 -10.17 -34.43
CA LEU B 43 20.24 -10.97 -33.99
C LEU B 43 21.21 -10.04 -33.26
N LYS B 44 21.17 -10.09 -31.94
CA LYS B 44 22.03 -9.25 -31.10
C LYS B 44 23.43 -9.86 -31.09
N TRP B 45 24.32 -9.29 -31.90
CA TRP B 45 25.70 -9.79 -31.97
C TRP B 45 26.54 -9.20 -30.85
N LYS B 46 27.41 -10.03 -30.28
CA LYS B 46 28.26 -9.60 -29.20
C LYS B 46 29.45 -8.80 -29.73
N GLY B 47 29.93 -7.87 -28.92
CA GLY B 47 31.07 -7.05 -29.32
C GLY B 47 30.74 -5.98 -30.33
N PHE B 48 29.48 -5.59 -30.46
CA PHE B 48 29.06 -4.57 -31.42
C PHE B 48 27.98 -3.73 -30.76
N SER B 49 27.18 -3.06 -31.59
CA SER B 49 26.09 -2.23 -31.08
C SER B 49 24.76 -2.62 -31.69
N GLU B 50 23.84 -1.68 -31.82
CA GLU B 50 22.53 -1.95 -32.40
C GLU B 50 22.48 -1.69 -33.90
N GLU B 51 23.44 -0.95 -34.45
CA GLU B 51 23.46 -0.68 -35.88
C GLU B 51 24.12 -1.78 -36.70
N HIS B 52 24.84 -2.70 -36.05
CA HIS B 52 25.50 -3.80 -36.75
C HIS B 52 24.67 -5.08 -36.76
N ASN B 53 23.39 -5.00 -36.40
CA ASN B 53 22.50 -6.15 -36.37
C ASN B 53 21.63 -6.16 -37.61
N THR B 54 21.55 -7.32 -38.27
CA THR B 54 20.74 -7.46 -39.48
C THR B 54 19.44 -8.20 -39.18
N TRP B 55 18.87 -8.84 -40.19
CA TRP B 55 17.63 -9.59 -40.04
C TRP B 55 17.82 -10.99 -40.58
N GLU B 56 16.92 -11.90 -40.16
CA GLU B 56 16.95 -13.28 -40.58
C GLU B 56 15.55 -13.85 -40.51
N PRO B 57 15.16 -14.71 -41.46
CA PRO B 57 13.82 -15.29 -41.44
C PRO B 57 13.65 -16.25 -40.26
N GLU B 58 12.39 -16.59 -40.00
CA GLU B 58 12.09 -17.50 -38.90
C GLU B 58 12.50 -18.92 -39.22
N LYS B 59 12.49 -19.31 -40.49
CA LYS B 59 12.87 -20.66 -40.89
C LYS B 59 14.38 -20.88 -40.88
N ASN B 60 15.17 -19.81 -40.79
CA ASN B 60 16.62 -19.94 -40.78
C ASN B 60 17.20 -19.99 -39.37
N LEU B 61 16.48 -19.46 -38.38
CA LEU B 61 16.97 -19.48 -37.00
C LEU B 61 16.75 -20.85 -36.38
N ASP B 62 17.47 -21.10 -35.28
CA ASP B 62 17.37 -22.37 -34.55
C ASP B 62 17.70 -22.09 -33.08
N CYS B 63 16.73 -21.50 -32.38
CA CYS B 63 16.88 -21.16 -30.97
C CYS B 63 15.51 -21.19 -30.31
N PRO B 64 15.07 -22.36 -29.85
CA PRO B 64 13.75 -22.44 -29.20
C PRO B 64 13.71 -21.82 -27.82
N GLU B 65 14.85 -21.66 -27.15
CA GLU B 65 14.89 -21.06 -25.82
C GLU B 65 14.78 -19.55 -25.85
N LEU B 66 14.97 -18.92 -27.01
CA LEU B 66 14.89 -17.47 -27.13
C LEU B 66 13.54 -17.01 -27.71
N ILE B 67 12.52 -17.86 -27.66
CA ILE B 67 11.19 -17.54 -28.18
C ILE B 67 10.17 -17.41 -27.04
N SER B 68 10.10 -18.43 -26.18
CA SER B 68 9.14 -18.39 -25.08
C SER B 68 9.52 -17.32 -24.06
N GLU B 69 10.82 -17.14 -23.81
CA GLU B 69 11.26 -16.12 -22.87
C GLU B 69 10.92 -14.72 -23.36
N PHE B 70 10.94 -14.51 -24.68
CA PHE B 70 10.56 -13.22 -25.23
C PHE B 70 9.05 -13.05 -25.31
N MET B 71 8.32 -14.14 -25.57
CA MET B 71 6.86 -14.05 -25.62
C MET B 71 6.26 -13.80 -24.24
N LYS B 72 6.87 -14.37 -23.19
CA LYS B 72 6.39 -14.12 -21.84
C LYS B 72 6.71 -12.72 -21.34
N LYS B 73 7.69 -12.06 -21.94
CA LYS B 73 8.06 -10.70 -21.56
C LYS B 73 7.37 -9.63 -22.39
N TYR B 74 7.06 -9.91 -23.66
CA TYR B 74 6.38 -8.94 -24.49
C TYR B 74 4.98 -8.63 -23.98
N LYS B 75 4.29 -9.64 -23.44
CA LYS B 75 2.96 -9.40 -22.88
C LYS B 75 3.03 -8.67 -21.55
N LYS B 76 4.05 -8.96 -20.74
CA LYS B 76 4.21 -8.27 -19.46
C LYS B 76 4.61 -6.81 -19.66
N MET B 77 5.40 -6.52 -20.69
CA MET B 77 5.77 -5.14 -20.96
C MET B 77 4.62 -4.32 -21.54
N LYS B 78 3.60 -4.98 -22.08
CA LYS B 78 2.45 -4.29 -22.64
C LYS B 78 1.29 -4.18 -21.66
N GLU B 79 1.14 -5.16 -20.75
CA GLU B 79 0.06 -5.11 -19.79
C GLU B 79 0.28 -4.05 -18.72
N GLY B 80 1.52 -3.64 -18.48
CA GLY B 80 1.85 -2.63 -17.50
C GLY B 80 1.96 -1.22 -18.03
N GLU B 81 1.76 -1.01 -19.33
CA GLU B 81 1.85 0.31 -19.93
C GLU B 81 0.47 0.94 -20.14
N ASN B 82 -0.40 0.83 -19.14
CA ASN B 82 -1.74 1.39 -19.19
C ASN B 82 -1.84 2.59 -18.25
N ASN B 83 -3.05 3.13 -18.12
CA ASN B 83 -3.33 4.28 -17.26
C ASN B 83 -2.47 5.48 -17.64
N LYS B 84 -2.96 6.28 -18.60
CA LYS B 84 -2.31 7.45 -19.20
C LYS B 84 -0.79 7.29 -19.27
N PRO B 85 -0.27 6.61 -20.30
CA PRO B 85 1.19 6.41 -20.39
C PRO B 85 1.92 7.70 -20.75
N ARG B 86 3.21 7.58 -21.04
CA ARG B 86 4.01 8.74 -21.39
C ARG B 86 3.65 9.26 -22.78
N GLU B 87 4.03 10.50 -23.05
CA GLU B 87 3.75 11.13 -24.33
C GLU B 87 4.76 10.66 -25.38
N LYS B 88 4.56 11.12 -26.62
CA LYS B 88 5.43 10.76 -27.72
C LYS B 88 5.67 12.02 -28.55
N SER B 89 6.15 11.84 -29.77
CA SER B 89 6.42 12.97 -30.68
C SER B 89 5.10 13.46 -31.26
N GLU B 90 4.66 14.63 -30.82
CA GLU B 90 3.41 15.21 -31.30
C GLU B 90 3.64 16.00 -32.58
N SER B 91 2.54 16.38 -33.23
CA SER B 91 2.56 17.14 -34.47
C SER B 91 3.37 16.42 -35.56
N ASN B 92 3.04 15.14 -35.76
CA ASN B 92 3.72 14.32 -36.75
C ASN B 92 2.72 13.35 -37.36
N LYS B 93 2.69 13.28 -38.69
CA LYS B 93 1.78 12.40 -39.40
C LYS B 93 2.44 11.12 -39.90
N ARG B 94 3.78 11.07 -39.92
CA ARG B 94 4.52 9.90 -40.37
C ARG B 94 4.13 9.49 -41.79
N LYS B 95 3.05 8.73 -41.91
CA LYS B 95 2.58 8.27 -43.21
C LYS B 95 1.82 9.38 -43.93
N SER B 96 0.52 9.17 -44.14
CA SER B 96 -0.35 10.13 -44.82
C SER B 96 0.17 10.46 -46.21
N ASN B 97 -0.14 9.59 -47.18
CA ASN B 97 0.27 9.77 -48.57
C ASN B 97 1.79 9.88 -48.70
N PHE B 98 2.47 8.74 -48.76
CA PHE B 98 3.93 8.73 -48.90
C PHE B 98 4.34 9.17 -50.30
N SER B 99 4.58 8.21 -51.18
CA SER B 99 4.99 8.52 -52.55
C SER B 99 4.59 7.39 -53.50
N ASN B 100 5.43 7.11 -54.49
CA ASN B 100 5.18 6.06 -55.46
C ASN B 100 6.52 5.41 -55.82
N SER B 101 6.46 4.49 -56.79
CA SER B 101 7.65 3.79 -57.27
C SER B 101 8.37 3.06 -56.14
N ALA B 102 7.85 1.89 -55.75
CA ALA B 102 8.43 1.07 -54.69
C ALA B 102 8.59 1.84 -53.40
N ASP B 103 7.50 1.93 -52.62
CA ASP B 103 7.51 2.63 -51.34
C ASP B 103 8.00 1.77 -50.19
N ASP B 104 8.44 0.54 -50.47
CA ASP B 104 8.94 -0.37 -49.46
C ASP B 104 10.46 -0.35 -49.44
N ILE B 105 11.07 -1.44 -48.97
CA ILE B 105 12.53 -1.58 -48.88
C ILE B 105 13.11 -0.46 -48.05
N LYS B 106 13.33 0.70 -48.70
CA LYS B 106 13.91 1.92 -48.12
C LYS B 106 15.06 1.63 -47.16
N SER B 107 15.25 2.50 -46.16
CA SER B 107 16.32 2.32 -45.19
C SER B 107 15.78 1.77 -43.88
N LYS B 108 15.98 2.52 -42.79
CA LYS B 108 15.51 2.11 -41.48
C LYS B 108 14.93 3.31 -40.74
N LYS B 109 13.84 3.08 -40.02
CA LYS B 109 13.17 4.15 -39.28
C LYS B 109 13.94 4.46 -37.99
N LYS B 110 13.52 3.86 -36.88
CA LYS B 110 14.17 4.09 -35.60
C LYS B 110 14.68 2.78 -35.02
N ARG B 111 14.79 2.70 -33.69
CA ARG B 111 15.27 1.52 -33.00
C ARG B 111 14.29 1.04 -31.93
N GLU B 112 13.00 1.34 -32.09
CA GLU B 112 11.98 0.94 -31.14
C GLU B 112 11.16 -0.22 -31.70
N GLN B 113 10.04 -0.52 -31.06
CA GLN B 113 9.17 -1.61 -31.50
C GLN B 113 8.11 -1.17 -32.49
N SER B 114 7.82 0.13 -32.56
CA SER B 114 6.83 0.66 -33.48
C SER B 114 7.55 1.21 -34.72
N ASN B 115 7.31 2.44 -35.16
CA ASN B 115 7.97 3.04 -36.31
C ASN B 115 7.80 2.17 -37.56
N ASP B 116 8.81 1.38 -37.89
CA ASP B 116 8.76 0.50 -39.07
C ASP B 116 7.85 -0.70 -38.80
N ILE B 117 6.55 -0.45 -38.90
CA ILE B 117 5.54 -1.47 -38.69
C ILE B 117 4.48 -1.34 -39.77
N ALA B 118 3.72 -2.42 -39.96
CA ALA B 118 2.66 -2.47 -40.96
C ALA B 118 1.51 -1.59 -40.50
N ARG B 119 1.42 -0.37 -41.06
CA ARG B 119 0.37 0.57 -40.71
C ARG B 119 -0.78 0.56 -41.72
N GLY B 120 -0.95 -0.53 -42.46
CA GLY B 120 -2.00 -0.67 -43.44
C GLY B 120 -1.63 -0.20 -44.83
N PHE B 121 -0.68 0.73 -44.95
CA PHE B 121 -0.28 1.21 -46.27
C PHE B 121 0.63 0.22 -46.97
N GLU B 122 1.40 -0.56 -46.22
CA GLU B 122 2.31 -1.54 -46.79
C GLU B 122 1.65 -2.89 -47.04
N ARG B 123 0.41 -3.07 -46.62
CA ARG B 123 -0.32 -4.32 -46.81
C ARG B 123 -1.63 -4.15 -47.57
N GLY B 124 -2.35 -3.06 -47.33
CA GLY B 124 -3.61 -2.82 -48.01
C GLY B 124 -4.75 -3.67 -47.48
N LEU B 125 -5.11 -3.46 -46.21
CA LEU B 125 -6.17 -4.21 -45.56
C LEU B 125 -7.29 -3.25 -45.14
N GLU B 126 -8.45 -3.82 -44.85
CA GLU B 126 -9.60 -3.03 -44.44
C GLU B 126 -9.65 -2.93 -42.92
N PRO B 127 -10.01 -1.76 -42.39
CA PRO B 127 -10.09 -1.60 -40.93
C PRO B 127 -11.27 -2.36 -40.35
N GLU B 128 -11.09 -2.80 -39.10
CA GLU B 128 -12.12 -3.56 -38.40
C GLU B 128 -12.89 -2.67 -37.43
N LYS B 129 -12.29 -2.39 -36.28
CA LYS B 129 -12.93 -1.56 -35.25
C LYS B 129 -11.89 -0.64 -34.63
N ILE B 130 -12.36 0.34 -33.88
CA ILE B 130 -11.50 1.30 -33.22
C ILE B 130 -11.43 0.96 -31.74
N ILE B 131 -10.21 0.81 -31.22
CA ILE B 131 -10.00 0.49 -29.82
C ILE B 131 -9.14 1.57 -29.16
N GLY B 132 -8.88 1.42 -27.87
CA GLY B 132 -8.07 2.39 -27.15
C GLY B 132 -8.87 3.61 -26.70
N ALA B 133 -8.72 3.98 -25.43
CA ALA B 133 -9.42 5.13 -24.87
C ALA B 133 -8.56 5.71 -23.75
N THR B 134 -7.86 6.80 -24.06
CA THR B 134 -6.99 7.47 -23.11
C THR B 134 -7.52 8.87 -22.82
N ASP B 135 -6.89 9.53 -21.84
CA ASP B 135 -7.28 10.89 -21.44
C ASP B 135 -6.05 11.56 -20.85
N SER B 136 -5.16 12.02 -21.74
CA SER B 136 -3.94 12.69 -21.31
C SER B 136 -3.83 14.07 -21.95
N CYS B 137 -2.65 14.68 -21.87
CA CYS B 137 -2.41 16.01 -22.44
C CYS B 137 -2.19 15.85 -23.95
N GLY B 138 -3.26 16.01 -24.70
CA GLY B 138 -3.18 15.89 -26.15
C GLY B 138 -4.54 15.53 -26.73
N ASP B 139 -4.51 15.02 -27.95
CA ASP B 139 -5.72 14.63 -28.65
C ASP B 139 -6.12 13.21 -28.25
N LEU B 140 -7.22 12.73 -28.82
CA LEU B 140 -7.71 11.40 -28.53
C LEU B 140 -6.90 10.35 -29.28
N MET B 141 -6.72 9.20 -28.64
CA MET B 141 -5.96 8.09 -29.21
C MET B 141 -6.87 7.32 -30.15
N PHE B 142 -6.75 7.60 -31.45
CA PHE B 142 -7.56 6.92 -32.47
C PHE B 142 -6.81 5.70 -32.99
N LEU B 143 -6.70 4.69 -32.12
CA LEU B 143 -6.01 3.46 -32.47
C LEU B 143 -6.88 2.62 -33.40
N MET B 144 -6.50 2.56 -34.67
CA MET B 144 -7.23 1.81 -35.68
C MET B 144 -6.62 0.41 -35.80
N LYS B 145 -7.43 -0.62 -35.55
CA LYS B 145 -6.99 -2.00 -35.64
C LYS B 145 -7.46 -2.61 -36.95
N TRP B 146 -6.54 -3.27 -37.65
CA TRP B 146 -6.85 -3.90 -38.93
C TRP B 146 -7.32 -5.34 -38.72
N LYS B 147 -7.85 -5.91 -39.80
CA LYS B 147 -8.35 -7.28 -39.75
C LYS B 147 -7.19 -8.28 -39.79
N ASP B 148 -7.27 -9.29 -38.93
CA ASP B 148 -6.24 -10.34 -38.84
C ASP B 148 -4.86 -9.74 -38.56
N THR B 149 -4.81 -8.78 -37.63
CA THR B 149 -3.56 -8.12 -37.25
C THR B 149 -3.52 -7.97 -35.75
N ASP B 150 -2.43 -8.42 -35.14
CA ASP B 150 -2.27 -8.33 -33.70
C ASP B 150 -1.85 -6.93 -33.24
N GLU B 151 -1.36 -6.10 -34.14
CA GLU B 151 -0.93 -4.75 -33.82
C GLU B 151 -1.90 -3.73 -34.41
N ALA B 152 -1.78 -2.49 -33.95
CA ALA B 152 -2.63 -1.40 -34.42
C ALA B 152 -1.81 -0.12 -34.47
N ASP B 153 -2.33 0.86 -35.22
CA ASP B 153 -1.68 2.15 -35.38
C ASP B 153 -2.73 3.24 -35.31
N LEU B 154 -2.28 4.49 -35.44
CA LEU B 154 -3.15 5.65 -35.39
C LEU B 154 -3.48 6.13 -36.81
N VAL B 155 -4.61 6.82 -36.93
CA VAL B 155 -5.06 7.35 -38.20
C VAL B 155 -5.37 8.84 -38.02
N LEU B 156 -5.67 9.49 -39.15
CA LEU B 156 -5.99 10.91 -39.14
C LEU B 156 -7.45 11.13 -38.76
N ALA B 157 -7.72 12.28 -38.15
CA ALA B 157 -9.07 12.63 -37.74
C ALA B 157 -9.88 13.31 -38.84
N LYS B 158 -9.24 13.70 -39.95
CA LYS B 158 -9.95 14.34 -41.04
C LYS B 158 -10.43 13.36 -42.09
N GLU B 159 -9.68 12.28 -42.33
CA GLU B 159 -10.05 11.27 -43.32
C GLU B 159 -10.84 10.11 -42.72
N ALA B 160 -11.26 10.22 -41.46
CA ALA B 160 -12.01 9.16 -40.81
C ALA B 160 -13.52 9.31 -40.98
N ASN B 161 -14.00 10.54 -41.17
CA ASN B 161 -15.42 10.80 -41.34
C ASN B 161 -15.82 10.90 -42.80
N VAL B 162 -14.92 10.62 -43.73
CA VAL B 162 -15.21 10.69 -45.16
C VAL B 162 -15.35 9.31 -45.76
N LYS B 163 -14.46 8.38 -45.40
CA LYS B 163 -14.53 7.02 -45.93
C LYS B 163 -15.63 6.22 -45.26
N CYS B 164 -15.43 5.87 -43.98
CA CYS B 164 -16.38 5.10 -43.18
C CYS B 164 -16.71 5.89 -41.93
N PRO B 165 -17.64 6.85 -42.01
CA PRO B 165 -17.99 7.64 -40.83
C PRO B 165 -18.89 6.92 -39.84
N GLN B 166 -19.41 5.74 -40.19
CA GLN B 166 -20.28 5.01 -39.27
C GLN B 166 -19.54 4.40 -38.11
N ILE B 167 -18.23 4.15 -38.26
CA ILE B 167 -17.46 3.56 -37.18
C ILE B 167 -17.07 4.62 -36.16
N VAL B 168 -16.77 5.84 -36.62
CA VAL B 168 -16.37 6.90 -35.71
C VAL B 168 -17.53 7.31 -34.82
N ILE B 169 -18.76 7.24 -35.33
CA ILE B 169 -19.93 7.59 -34.52
C ILE B 169 -20.21 6.49 -33.51
N ALA B 170 -20.10 5.23 -33.92
CA ALA B 170 -20.36 4.12 -33.01
C ALA B 170 -19.26 3.96 -31.97
N PHE B 171 -18.06 4.45 -32.24
CA PHE B 171 -16.97 4.33 -31.26
C PHE B 171 -17.20 5.21 -30.05
N TYR B 172 -17.77 6.41 -30.24
CA TYR B 172 -18.02 7.32 -29.14
C TYR B 172 -19.18 6.87 -28.26
N GLU B 173 -20.09 6.05 -28.79
CA GLU B 173 -21.24 5.56 -28.04
C GLU B 173 -20.99 4.16 -27.49
N GLU B 174 -19.87 3.99 -26.78
CA GLU B 174 -19.50 2.71 -26.19
C GLU B 174 -19.82 2.64 -24.70
N ARG B 175 -19.40 3.63 -23.94
CA ARG B 175 -19.66 3.66 -22.50
C ARG B 175 -21.07 4.16 -22.21
N GLY C 33 32.53 -16.45 -27.88
CA GLY C 33 32.04 -17.37 -26.88
C GLY C 33 31.06 -18.40 -27.43
N GLY C 34 31.46 -19.66 -27.42
CA GLY C 34 30.63 -20.75 -27.91
C GLY C 34 30.71 -21.91 -26.93
N VAL C 35 30.02 -23.00 -27.26
CA VAL C 35 30.02 -24.18 -26.40
C VAL C 35 31.13 -25.15 -26.76
N LYS C 36 31.59 -25.16 -28.01
CA LYS C 36 32.65 -26.04 -28.46
C LYS C 36 33.97 -25.29 -28.67
N LYS C 37 34.12 -24.12 -28.05
CA LYS C 37 35.34 -23.34 -28.19
C LYS C 37 36.23 -23.50 -26.95
N PRO C 38 37.55 -23.51 -27.13
CA PRO C 38 38.43 -23.65 -25.97
C PRO C 38 38.37 -22.46 -25.03
N HIS C 39 38.20 -21.25 -25.56
CA HIS C 39 38.12 -20.07 -24.71
C HIS C 39 36.77 -19.97 -24.02
N ARG C 40 36.77 -19.36 -22.85
CA ARG C 40 35.54 -19.20 -22.07
C ARG C 40 34.81 -17.92 -22.45
N TYR C 41 33.63 -17.74 -21.87
CA TYR C 41 32.82 -16.56 -22.15
C TYR C 41 33.38 -15.34 -21.43
N ARG C 42 32.89 -14.17 -21.82
CA ARG C 42 33.33 -12.93 -21.22
C ARG C 42 32.47 -12.58 -20.00
N PRO C 43 33.07 -12.03 -18.95
CA PRO C 43 32.28 -11.66 -17.77
C PRO C 43 31.28 -10.55 -18.05
N GLY C 44 30.08 -10.91 -18.50
CA GLY C 44 29.07 -9.93 -18.81
C GLY C 44 27.92 -10.51 -19.62
N THR C 45 27.97 -11.81 -19.88
CA THR C 45 26.93 -12.50 -20.66
C THR C 45 26.10 -13.44 -19.81
N VAL C 46 26.74 -14.38 -19.11
CA VAL C 46 26.00 -15.32 -18.27
C VAL C 46 25.36 -14.60 -17.09
N ALA C 47 26.07 -13.63 -16.51
CA ALA C 47 25.51 -12.88 -15.39
C ALA C 47 24.30 -12.07 -15.80
N LEU C 48 24.26 -11.59 -17.05
CA LEU C 48 23.10 -10.86 -17.54
C LEU C 48 21.97 -11.79 -17.96
N ARG C 49 22.30 -12.97 -18.48
CA ARG C 49 21.27 -13.91 -18.89
C ARG C 49 20.62 -14.61 -17.69
N GLU C 50 21.34 -14.71 -16.57
CA GLU C 50 20.75 -15.32 -15.38
C GLU C 50 19.62 -14.49 -14.81
N ILE C 51 19.67 -13.17 -15.01
CA ILE C 51 18.60 -12.30 -14.50
C ILE C 51 17.32 -12.52 -15.29
N ARG C 52 17.44 -12.73 -16.61
CA ARG C 52 16.27 -12.96 -17.44
C ARG C 52 15.80 -14.40 -17.41
N ARG C 53 16.68 -15.35 -17.06
CA ARG C 53 16.26 -16.75 -16.99
C ARG C 53 15.27 -17.00 -15.87
N TYR C 54 15.36 -16.23 -14.78
CA TYR C 54 14.46 -16.37 -13.64
C TYR C 54 13.24 -15.46 -13.73
N GLN C 55 12.81 -15.10 -14.94
CA GLN C 55 11.66 -14.24 -15.13
C GLN C 55 10.62 -14.90 -16.04
N LYS C 56 10.60 -16.23 -16.09
CA LYS C 56 9.66 -16.95 -16.93
C LYS C 56 9.24 -18.27 -16.27
N SER C 57 9.94 -18.65 -15.20
CA SER C 57 9.65 -19.88 -14.48
C SER C 57 9.50 -19.58 -13.00
N THR C 58 8.60 -20.31 -12.35
CA THR C 58 8.33 -20.14 -10.92
C THR C 58 8.90 -21.35 -10.19
N GLU C 59 10.05 -21.15 -9.53
CA GLU C 59 10.72 -22.20 -8.79
C GLU C 59 11.12 -21.67 -7.42
N LEU C 60 11.50 -22.59 -6.53
CA LEU C 60 11.92 -22.27 -5.17
C LEU C 60 13.42 -22.48 -5.07
N LEU C 61 14.16 -21.37 -4.99
CA LEU C 61 15.62 -21.45 -4.89
C LEU C 61 16.10 -21.90 -3.52
N ILE C 62 15.29 -21.68 -2.47
CA ILE C 62 15.67 -22.08 -1.12
C ILE C 62 15.49 -23.59 -0.99
N ARG C 63 16.50 -24.26 -0.43
CA ARG C 63 16.45 -25.70 -0.26
C ARG C 63 15.53 -26.06 0.91
N LYS C 64 15.35 -27.37 1.11
CA LYS C 64 14.49 -27.89 2.16
C LYS C 64 15.25 -28.69 3.20
N LEU C 65 16.12 -29.61 2.76
CA LEU C 65 16.86 -30.42 3.74
C LEU C 65 17.96 -29.63 4.44
N PRO C 66 18.85 -28.91 3.76
CA PRO C 66 19.86 -28.14 4.49
C PRO C 66 19.28 -26.95 5.25
N PHE C 67 18.14 -26.42 4.82
CA PHE C 67 17.55 -25.28 5.51
C PHE C 67 16.84 -25.68 6.79
N GLN C 68 16.40 -26.94 6.90
CA GLN C 68 15.71 -27.41 8.09
C GLN C 68 16.66 -27.66 9.25
N ARG C 69 17.95 -27.85 8.99
CA ARG C 69 18.92 -28.10 10.06
C ARG C 69 19.27 -26.84 10.84
N LEU C 70 19.13 -25.67 10.24
CA LEU C 70 19.45 -24.42 10.93
C LEU C 70 18.33 -23.96 11.86
N VAL C 71 17.08 -24.35 11.60
CA VAL C 71 15.98 -23.92 12.44
C VAL C 71 16.00 -24.69 13.77
N ARG C 72 16.35 -25.97 13.73
CA ARG C 72 16.40 -26.78 14.94
C ARG C 72 17.52 -26.37 15.87
N GLU C 73 18.59 -25.76 15.34
CA GLU C 73 19.67 -25.31 16.20
C GLU C 73 19.25 -24.11 17.05
N ILE C 74 18.42 -23.24 16.50
CA ILE C 74 17.94 -22.09 17.24
C ILE C 74 16.70 -22.40 18.07
N ALA C 75 15.88 -23.37 17.62
CA ALA C 75 14.68 -23.72 18.37
C ALA C 75 15.00 -24.49 19.64
N GLN C 76 16.17 -25.12 19.72
CA GLN C 76 16.58 -25.88 20.89
C GLN C 76 17.58 -25.10 21.75
N ASP C 77 17.33 -23.81 21.96
CA ASP C 77 18.22 -22.98 22.77
C ASP C 77 18.02 -23.25 24.25
N PHE C 78 17.20 -22.43 24.90
CA PHE C 78 16.91 -22.57 26.33
C PHE C 78 15.49 -23.08 26.58
N LYS C 79 14.99 -23.93 25.69
CA LYS C 79 13.65 -24.50 25.80
C LYS C 79 13.74 -26.02 25.78
N THR C 80 12.58 -26.67 25.82
CA THR C 80 12.50 -28.12 25.80
C THR C 80 12.52 -28.63 24.37
N ASP C 81 12.38 -29.95 24.21
CA ASP C 81 12.38 -30.58 22.90
C ASP C 81 11.01 -30.43 22.27
N LEU C 82 10.92 -29.67 21.18
CA LEU C 82 9.68 -29.44 20.46
C LEU C 82 9.71 -30.13 19.12
N ARG C 83 8.57 -30.10 18.44
CA ARG C 83 8.41 -30.71 17.12
C ARG C 83 7.87 -29.67 16.15
N PHE C 84 7.85 -30.06 14.87
CA PHE C 84 7.35 -29.19 13.81
C PHE C 84 6.57 -30.02 12.80
N GLN C 85 5.67 -29.36 12.09
CA GLN C 85 4.84 -29.99 11.09
C GLN C 85 5.44 -29.76 9.70
N SER C 86 4.70 -30.14 8.67
CA SER C 86 5.14 -29.98 7.28
C SER C 86 4.68 -28.67 6.67
N SER C 87 4.16 -27.75 7.47
CA SER C 87 3.70 -26.45 6.97
C SER C 87 4.55 -25.28 7.44
N ALA C 88 5.23 -25.40 8.58
CA ALA C 88 6.06 -24.31 9.07
C ALA C 88 7.24 -24.03 8.14
N VAL C 89 7.89 -25.10 7.66
CA VAL C 89 9.01 -24.92 6.74
C VAL C 89 8.54 -24.33 5.42
N MET C 90 7.39 -24.79 4.93
CA MET C 90 6.84 -24.25 3.69
C MET C 90 6.44 -22.79 3.83
N ALA C 91 5.96 -22.39 5.01
CA ALA C 91 5.62 -20.99 5.23
C ALA C 91 6.88 -20.14 5.36
N LEU C 92 7.91 -20.65 6.03
CA LEU C 92 9.16 -19.89 6.16
C LEU C 92 9.86 -19.73 4.81
N GLN C 93 9.80 -20.76 3.96
CA GLN C 93 10.41 -20.66 2.65
C GLN C 93 9.74 -19.59 1.79
N GLU C 94 8.42 -19.43 1.94
CA GLU C 94 7.72 -18.38 1.19
C GLU C 94 7.90 -17.00 1.83
N ALA C 95 8.07 -16.95 3.15
CA ALA C 95 8.27 -15.67 3.82
C ALA C 95 9.67 -15.12 3.56
N SER C 96 10.67 -16.00 3.45
CA SER C 96 12.04 -15.55 3.20
C SER C 96 12.22 -15.04 1.77
N GLU C 97 11.39 -15.49 0.83
CA GLU C 97 11.51 -15.03 -0.55
C GLU C 97 11.09 -13.58 -0.69
N ALA C 98 10.04 -13.16 0.01
CA ALA C 98 9.58 -11.78 -0.03
C ALA C 98 10.49 -10.85 0.77
N TYR C 99 11.44 -11.38 1.54
CA TYR C 99 12.36 -10.58 2.33
C TYR C 99 13.75 -10.48 1.71
N LEU C 100 14.31 -11.59 1.22
CA LEU C 100 15.65 -11.55 0.65
C LEU C 100 15.69 -10.69 -0.62
N VAL C 101 14.71 -10.86 -1.49
CA VAL C 101 14.66 -10.06 -2.71
C VAL C 101 14.42 -8.59 -2.39
N ALA C 102 13.58 -8.32 -1.40
CA ALA C 102 13.31 -6.94 -1.01
C ALA C 102 14.55 -6.28 -0.43
N LEU C 103 15.35 -7.03 0.33
CA LEU C 103 16.58 -6.48 0.88
C LEU C 103 17.66 -6.32 -0.18
N PHE C 104 17.69 -7.21 -1.18
CA PHE C 104 18.69 -7.10 -2.24
C PHE C 104 18.36 -5.99 -3.23
N GLU C 105 17.07 -5.71 -3.45
CA GLU C 105 16.69 -4.66 -4.38
C GLU C 105 17.14 -3.28 -3.89
N ASP C 106 17.03 -3.04 -2.58
CA ASP C 106 17.47 -1.76 -2.02
C ASP C 106 18.97 -1.58 -2.21
N THR C 107 19.75 -2.63 -1.97
CA THR C 107 21.20 -2.54 -2.16
C THR C 107 21.54 -2.35 -3.63
N ASN C 108 20.84 -3.04 -4.53
CA ASN C 108 21.09 -2.87 -5.96
C ASN C 108 20.75 -1.47 -6.43
N LEU C 109 19.70 -0.87 -5.87
CA LEU C 109 19.33 0.49 -6.25
C LEU C 109 20.29 1.52 -5.65
N CYS C 110 20.81 1.25 -4.44
CA CYS C 110 21.74 2.19 -3.81
C CYS C 110 23.15 2.11 -4.39
N ALA C 111 23.54 0.95 -4.94
CA ALA C 111 24.86 0.81 -5.52
C ALA C 111 25.05 1.60 -6.81
N ILE C 112 23.97 2.08 -7.42
CA ILE C 112 24.09 2.84 -8.67
C ILE C 112 24.55 4.27 -8.40
N HIS C 113 24.08 4.88 -7.31
CA HIS C 113 24.44 6.25 -7.00
C HIS C 113 25.88 6.40 -6.53
N ALA C 114 26.54 5.30 -6.16
CA ALA C 114 27.93 5.34 -5.71
C ALA C 114 28.92 5.23 -6.86
N LYS C 115 28.48 5.42 -8.10
CA LYS C 115 29.35 5.32 -9.27
C LYS C 115 30.04 3.97 -9.35
N ARG C 116 29.30 2.91 -9.05
CA ARG C 116 29.84 1.56 -9.07
C ARG C 116 28.76 0.61 -9.58
N VAL C 117 29.15 -0.65 -9.79
CA VAL C 117 28.21 -1.67 -10.26
C VAL C 117 28.13 -2.88 -9.35
N THR C 118 29.12 -3.14 -8.49
CA THR C 118 29.10 -4.28 -7.59
C THR C 118 28.68 -3.83 -6.20
N ILE C 119 27.84 -4.65 -5.54
CA ILE C 119 27.38 -4.32 -4.21
C ILE C 119 28.52 -4.52 -3.21
N MET C 120 28.38 -3.87 -2.05
CA MET C 120 29.39 -3.94 -1.00
C MET C 120 28.78 -4.52 0.27
N PRO C 121 29.55 -5.30 1.05
CA PRO C 121 29.00 -5.85 2.30
C PRO C 121 28.69 -4.80 3.34
N LYS C 122 29.34 -3.64 3.29
CA LYS C 122 29.09 -2.57 4.24
C LYS C 122 27.86 -1.73 3.90
N ASP C 123 27.25 -1.97 2.74
CA ASP C 123 26.07 -1.20 2.35
C ASP C 123 24.79 -1.73 2.98
N ILE C 124 24.80 -2.97 3.47
CA ILE C 124 23.58 -3.53 4.08
C ILE C 124 23.23 -2.79 5.36
N GLN C 125 24.24 -2.46 6.17
CA GLN C 125 23.97 -1.73 7.40
C GLN C 125 23.47 -0.32 7.13
N LEU C 126 23.95 0.31 6.05
CA LEU C 126 23.47 1.64 5.68
C LEU C 126 22.07 1.59 5.10
N ALA C 127 21.73 0.52 4.36
CA ALA C 127 20.40 0.40 3.80
C ALA C 127 19.36 0.03 4.86
N ARG C 128 19.77 -0.73 5.88
CA ARG C 128 18.84 -1.09 6.94
C ARG C 128 18.52 0.07 7.87
N ARG C 129 19.39 1.09 7.92
CA ARG C 129 19.12 2.24 8.78
C ARG C 129 18.03 3.14 8.21
N ILE C 130 17.85 3.12 6.89
CA ILE C 130 16.82 3.96 6.27
C ILE C 130 15.44 3.37 6.50
N ARG C 131 15.31 2.04 6.49
CA ARG C 131 14.01 1.43 6.69
C ARG C 131 13.55 1.52 8.14
N GLY C 132 14.49 1.47 9.08
CA GLY C 132 14.14 1.56 10.49
C GLY C 132 14.88 0.55 11.35
N GLU C 133 15.60 -0.38 10.71
CA GLU C 133 16.36 -1.38 11.44
C GLU C 133 17.65 -0.79 11.99
N ARG C 134 18.10 -1.34 13.12
CA ARG C 134 19.31 -0.89 13.76
C ARG C 134 20.54 -1.46 13.05
N ALA C 135 21.67 -0.75 13.21
CA ALA C 135 22.91 -1.18 12.60
C ALA C 135 24.11 -0.77 13.47
N ARG D 17 13.14 -41.49 19.83
CA ARG D 17 12.69 -40.92 18.57
C ARG D 17 12.04 -39.55 18.78
N HIS D 18 12.82 -38.50 18.57
CA HIS D 18 12.31 -37.14 18.74
C HIS D 18 12.99 -36.18 17.76
N ARG D 19 14.24 -35.81 18.04
CA ARG D 19 14.98 -34.91 17.18
C ARG D 19 16.45 -35.29 17.21
N LYS D 20 17.12 -35.08 16.08
CA LYS D 20 18.54 -35.40 15.97
C LYS D 20 19.38 -34.27 16.55
N VAL D 21 20.44 -34.65 17.27
CA VAL D 21 21.35 -33.67 17.89
C VAL D 21 22.31 -33.14 16.83
N LEU D 22 21.90 -32.08 16.13
CA LEU D 22 22.72 -31.48 15.09
C LEU D 22 23.55 -30.34 15.67
N ARG D 23 24.83 -30.32 15.31
CA ARG D 23 25.75 -29.29 15.78
C ARG D 23 26.58 -28.78 14.62
N ASP D 24 27.02 -27.52 14.73
CA ASP D 24 27.84 -26.87 13.70
C ASP D 24 27.13 -26.88 12.35
N ASN D 25 25.94 -26.30 12.33
CA ASN D 25 25.13 -26.21 11.12
C ASN D 25 25.45 -25.00 10.28
N ILE D 26 26.40 -24.15 10.69
CA ILE D 26 26.75 -22.96 9.93
C ILE D 26 27.64 -23.28 8.74
N GLN D 27 28.21 -24.49 8.68
CA GLN D 27 29.07 -24.87 7.57
C GLN D 27 28.32 -25.53 6.42
N GLY D 28 27.12 -26.05 6.67
CA GLY D 28 26.32 -26.70 5.66
C GLY D 28 25.40 -25.79 4.88
N ILE D 29 25.61 -24.48 4.91
CA ILE D 29 24.75 -23.55 4.18
C ILE D 29 25.12 -23.58 2.70
N THR D 30 24.09 -23.56 1.85
CA THR D 30 24.32 -23.58 0.42
C THR D 30 24.90 -22.25 -0.05
N LYS D 31 25.98 -22.34 -0.83
CA LYS D 31 26.65 -21.15 -1.36
C LYS D 31 26.03 -20.65 -2.66
N PRO D 32 25.80 -21.50 -3.66
CA PRO D 32 25.18 -20.99 -4.90
C PRO D 32 23.76 -20.51 -4.73
N ALA D 33 23.06 -20.92 -3.67
CA ALA D 33 21.69 -20.48 -3.46
C ALA D 33 21.62 -18.99 -3.17
N ILE D 34 22.58 -18.48 -2.38
CA ILE D 34 22.60 -17.05 -2.07
C ILE D 34 22.88 -16.22 -3.33
N ARG D 35 23.72 -16.75 -4.22
CA ARG D 35 23.99 -16.05 -5.47
C ARG D 35 22.83 -16.14 -6.44
N ARG D 36 22.08 -17.24 -6.41
CA ARG D 36 20.94 -17.39 -7.30
C ARG D 36 19.74 -16.57 -6.83
N LEU D 37 19.58 -16.39 -5.52
CA LEU D 37 18.47 -15.60 -5.00
C LEU D 37 18.64 -14.12 -5.28
N ALA D 38 19.87 -13.65 -5.46
CA ALA D 38 20.11 -12.24 -5.72
C ALA D 38 19.91 -11.89 -7.19
N ARG D 39 19.85 -12.88 -8.08
CA ARG D 39 19.66 -12.60 -9.50
C ARG D 39 18.23 -12.24 -9.83
N ARG D 40 17.28 -12.53 -8.94
CA ARG D 40 15.88 -12.20 -9.21
C ARG D 40 15.62 -10.72 -9.05
N GLY D 41 16.30 -10.06 -8.10
CA GLY D 41 16.09 -8.64 -7.89
C GLY D 41 16.73 -7.77 -8.95
N GLY D 42 17.92 -8.13 -9.42
CA GLY D 42 18.61 -7.36 -10.43
C GLY D 42 20.06 -7.09 -10.10
N VAL D 43 20.61 -7.87 -9.18
CA VAL D 43 22.00 -7.69 -8.78
C VAL D 43 22.92 -8.28 -9.85
N LYS D 44 23.85 -7.47 -10.35
CA LYS D 44 24.77 -7.92 -11.39
C LYS D 44 25.84 -8.82 -10.80
N ARG D 45 26.81 -8.23 -10.09
CA ARG D 45 27.91 -8.96 -9.48
C ARG D 45 27.80 -8.90 -7.96
N ILE D 46 28.54 -9.79 -7.30
CA ILE D 46 28.58 -9.86 -5.85
C ILE D 46 30.02 -9.95 -5.39
N SER D 47 30.23 -9.68 -4.10
CA SER D 47 31.55 -9.71 -3.51
C SER D 47 31.80 -11.08 -2.89
N GLY D 48 32.93 -11.23 -2.20
CA GLY D 48 33.27 -12.49 -1.56
C GLY D 48 32.80 -12.59 -0.13
N LEU D 49 32.66 -11.44 0.54
CA LEU D 49 32.23 -11.39 1.93
C LEU D 49 30.72 -11.38 2.08
N ILE D 50 29.97 -11.47 0.98
CA ILE D 50 28.51 -11.48 1.07
C ILE D 50 28.02 -12.76 1.73
N TYR D 51 28.67 -13.88 1.45
CA TYR D 51 28.27 -15.15 2.04
C TYR D 51 28.50 -15.15 3.55
N GLU D 52 29.48 -14.41 4.03
CA GLU D 52 29.75 -14.32 5.45
C GLU D 52 28.96 -13.20 6.13
N GLU D 53 28.50 -12.21 5.36
CA GLU D 53 27.72 -11.11 5.92
C GLU D 53 26.22 -11.38 5.94
N THR D 54 25.73 -12.24 5.04
CA THR D 54 24.30 -12.53 5.01
C THR D 54 23.88 -13.42 6.18
N ARG D 55 24.75 -14.35 6.58
CA ARG D 55 24.42 -15.24 7.69
C ARG D 55 24.36 -14.48 9.01
N GLY D 56 25.10 -13.39 9.13
CA GLY D 56 25.08 -12.59 10.33
C GLY D 56 23.80 -11.81 10.52
N VAL D 57 22.96 -11.72 9.49
CA VAL D 57 21.70 -11.01 9.58
C VAL D 57 20.55 -12.03 9.49
N LEU D 58 20.80 -13.16 8.85
CA LEU D 58 19.77 -14.18 8.72
C LEU D 58 19.37 -14.74 10.08
N LYS D 59 20.34 -14.99 10.95
CA LYS D 59 20.03 -15.52 12.28
C LYS D 59 19.24 -14.50 13.10
N VAL D 60 19.61 -13.22 13.01
CA VAL D 60 18.90 -12.18 13.75
C VAL D 60 17.49 -12.02 13.21
N PHE D 61 17.29 -12.18 11.90
CA PHE D 61 15.96 -12.06 11.34
C PHE D 61 15.09 -13.27 11.67
N LEU D 62 15.70 -14.45 11.78
CA LEU D 62 14.96 -15.66 12.09
C LEU D 62 14.65 -15.79 13.59
N GLU D 63 15.48 -15.19 14.44
CA GLU D 63 15.23 -15.28 15.88
C GLU D 63 13.99 -14.50 16.29
N ASN D 64 13.62 -13.46 15.53
CA ASN D 64 12.42 -12.70 15.84
C ASN D 64 11.15 -13.49 15.55
N VAL D 65 11.24 -14.56 14.77
CA VAL D 65 10.08 -15.39 14.45
C VAL D 65 10.14 -16.66 15.29
N ILE D 66 11.36 -17.17 15.53
CA ILE D 66 11.50 -18.39 16.31
C ILE D 66 11.10 -18.17 17.77
N ARG D 67 11.54 -17.05 18.35
CA ARG D 67 11.17 -16.74 19.73
C ARG D 67 9.70 -16.44 19.89
N ASP D 68 9.01 -16.06 18.81
CA ASP D 68 7.58 -15.78 18.88
C ASP D 68 6.72 -17.00 18.62
N ALA D 69 7.18 -17.92 17.76
CA ALA D 69 6.41 -19.13 17.48
C ALA D 69 6.29 -20.02 18.71
N VAL D 70 7.38 -20.15 19.47
CA VAL D 70 7.35 -20.96 20.68
C VAL D 70 6.39 -20.35 21.71
N THR D 71 6.40 -19.03 21.84
CA THR D 71 5.50 -18.37 22.77
C THR D 71 4.04 -18.53 22.33
N TYR D 72 3.78 -18.41 21.02
CA TYR D 72 2.42 -18.59 20.53
C TYR D 72 1.95 -20.03 20.70
N THR D 73 2.85 -21.00 20.58
CA THR D 73 2.46 -22.40 20.79
C THR D 73 2.23 -22.69 22.27
N GLU D 74 3.03 -22.08 23.15
CA GLU D 74 2.84 -22.29 24.58
C GLU D 74 1.60 -21.58 25.11
N HIS D 75 1.21 -20.47 24.47
CA HIS D 75 0.01 -19.76 24.92
C HIS D 75 -1.26 -20.53 24.59
N ALA D 76 -1.23 -21.39 23.57
CA ALA D 76 -2.37 -22.20 23.19
C ALA D 76 -2.36 -23.58 23.83
N LYS D 77 -1.53 -23.78 24.85
CA LYS D 77 -1.42 -25.05 25.56
C LYS D 77 -1.06 -26.18 24.60
N ARG D 78 -0.03 -25.94 23.78
CA ARG D 78 0.44 -26.91 22.81
C ARG D 78 1.96 -26.93 22.82
N LYS D 79 2.53 -27.93 22.14
CA LYS D 79 3.97 -28.08 22.06
C LYS D 79 4.50 -28.20 20.63
N THR D 80 3.63 -28.34 19.63
CA THR D 80 4.04 -28.45 18.23
C THR D 80 3.49 -27.28 17.45
N VAL D 81 4.36 -26.61 16.70
CA VAL D 81 3.95 -25.45 15.91
C VAL D 81 3.16 -25.94 14.70
N THR D 82 1.88 -25.55 14.64
CA THR D 82 1.02 -25.94 13.53
C THR D 82 1.11 -24.95 12.39
N ALA D 83 0.02 -24.79 11.65
CA ALA D 83 -0.04 -23.88 10.51
C ALA D 83 -0.80 -22.59 10.84
N MET D 84 -0.95 -22.27 12.12
CA MET D 84 -1.64 -21.07 12.54
C MET D 84 -0.78 -20.09 13.32
N ASP D 85 0.20 -20.57 14.08
CA ASP D 85 1.06 -19.67 14.84
C ASP D 85 2.04 -18.92 13.94
N VAL D 86 2.35 -19.48 12.77
CA VAL D 86 3.26 -18.81 11.85
C VAL D 86 2.65 -17.52 11.33
N VAL D 87 1.35 -17.53 11.06
CA VAL D 87 0.69 -16.31 10.58
C VAL D 87 0.71 -15.23 11.66
N TYR D 88 0.44 -15.61 12.91
CA TYR D 88 0.47 -14.64 14.00
C TYR D 88 1.87 -14.12 14.25
N ALA D 89 2.89 -14.96 14.06
CA ALA D 89 4.27 -14.51 14.25
C ALA D 89 4.71 -13.58 13.11
N LEU D 90 4.22 -13.83 11.89
CA LEU D 90 4.59 -13.00 10.76
C LEU D 90 3.80 -11.69 10.70
N LYS D 91 2.60 -11.66 11.28
CA LYS D 91 1.80 -10.43 11.27
C LYS D 91 2.41 -9.34 12.14
N ARG D 92 3.21 -9.71 13.14
CA ARG D 92 3.82 -8.70 14.00
C ARG D 92 4.96 -7.96 13.29
N GLN D 93 5.60 -8.61 12.32
CA GLN D 93 6.69 -8.02 11.57
C GLN D 93 6.23 -7.40 10.25
N GLY D 94 4.93 -7.37 10.00
CA GLY D 94 4.42 -6.79 8.77
C GLY D 94 4.52 -7.69 7.56
N ARG D 95 4.57 -9.01 7.75
CA ARG D 95 4.67 -9.95 6.64
C ARG D 95 3.29 -10.44 6.20
N THR D 96 2.60 -11.15 7.09
CA THR D 96 1.27 -11.70 6.84
C THR D 96 1.26 -12.58 5.59
N LEU D 97 1.69 -13.83 5.74
CA LEU D 97 1.72 -14.74 4.60
C LEU D 97 0.31 -15.14 4.19
N TYR D 98 0.10 -15.29 2.89
CA TYR D 98 -1.19 -15.64 2.34
C TYR D 98 -1.29 -17.15 2.12
N GLY D 99 -2.51 -17.67 2.19
CA GLY D 99 -2.74 -19.09 1.99
C GLY D 99 -2.64 -19.93 3.24
N PHE D 100 -2.90 -19.35 4.42
CA PHE D 100 -2.83 -20.09 5.67
C PHE D 100 -3.85 -19.47 6.63
N GLY D 101 -5.07 -19.99 6.56
CA GLY D 101 -6.13 -19.47 7.43
C GLY D 101 -6.66 -18.15 6.91
N GLY D 102 -6.70 -17.16 7.79
CA GLY D 102 -7.19 -15.84 7.42
C GLY D 102 -6.63 -14.74 8.30
N ALA E 16 -9.21 2.31 56.48
CA ALA E 16 -9.83 1.71 55.30
C ALA E 16 -8.82 0.92 54.48
N VAL E 17 -9.24 -0.24 54.00
CA VAL E 17 -8.38 -1.10 53.19
C VAL E 17 -8.81 -1.02 51.74
N SER E 18 -7.89 -1.36 50.85
CA SER E 18 -8.14 -1.34 49.42
C SER E 18 -7.24 -2.37 48.75
N ARG E 19 -7.39 -2.50 47.42
CA ARG E 19 -6.59 -3.44 46.66
C ARG E 19 -5.19 -2.91 46.35
N SER E 20 -4.99 -1.59 46.42
CA SER E 20 -3.68 -1.02 46.13
C SER E 20 -2.70 -1.23 47.28
N GLN E 21 -3.18 -1.20 48.52
CA GLN E 21 -2.31 -1.38 49.68
C GLN E 21 -2.06 -2.85 50.00
N ARG E 22 -2.87 -3.76 49.47
CA ARG E 22 -2.67 -5.18 49.74
C ARG E 22 -1.55 -5.76 48.89
N ALA E 23 -1.52 -5.43 47.61
CA ALA E 23 -0.47 -5.93 46.72
C ALA E 23 0.79 -5.08 46.75
N GLY E 24 0.69 -3.82 47.17
CA GLY E 24 1.84 -2.95 47.23
C GLY E 24 2.20 -2.33 45.89
N LEU E 25 1.27 -1.57 45.32
CA LEU E 25 1.48 -0.91 44.04
C LEU E 25 0.75 0.42 44.03
N GLN E 26 1.43 1.44 43.49
CA GLN E 26 0.83 2.78 43.42
C GLN E 26 -0.19 2.90 42.30
N PHE E 27 -0.16 2.02 41.32
CA PHE E 27 -1.12 2.08 40.23
C PHE E 27 -2.47 1.55 40.69
N PRO E 28 -3.57 2.14 40.21
CA PRO E 28 -4.90 1.66 40.61
C PRO E 28 -5.21 0.30 40.02
N VAL E 29 -6.12 -0.42 40.67
CA VAL E 29 -6.53 -1.74 40.24
C VAL E 29 -7.88 -1.66 39.54
N GLY E 30 -8.74 -0.76 40.02
CA GLY E 30 -10.05 -0.62 39.42
C GLY E 30 -10.04 0.04 38.05
N ARG E 31 -9.13 0.99 37.85
CA ARG E 31 -9.06 1.69 36.57
C ARG E 31 -8.63 0.73 35.45
N ILE E 32 -7.63 -0.09 35.70
CA ILE E 32 -7.18 -1.05 34.70
C ILE E 32 -8.26 -2.09 34.44
N HIS E 33 -8.97 -2.52 35.49
CA HIS E 33 -10.04 -3.50 35.31
C HIS E 33 -11.19 -2.92 34.50
N ARG E 34 -11.50 -1.63 34.69
CA ARG E 34 -12.54 -1.00 33.91
C ARG E 34 -12.11 -0.73 32.47
N HIS E 35 -10.82 -0.44 32.26
CA HIS E 35 -10.33 -0.18 30.91
C HIS E 35 -10.18 -1.46 30.10
N LEU E 36 -9.89 -2.59 30.75
CA LEU E 36 -9.74 -3.85 30.04
C LEU E 36 -11.08 -4.41 29.56
N LYS E 37 -12.18 -3.95 30.13
CA LYS E 37 -13.49 -4.45 29.72
C LYS E 37 -13.96 -3.82 28.41
N SER E 38 -13.31 -2.75 27.96
CA SER E 38 -13.71 -2.11 26.71
C SER E 38 -13.08 -2.79 25.50
N ARG E 39 -11.81 -3.14 25.59
CA ARG E 39 -11.13 -3.81 24.48
C ARG E 39 -11.46 -5.30 24.40
N THR E 40 -11.94 -5.90 25.48
CA THR E 40 -12.28 -7.31 25.48
C THR E 40 -13.59 -7.53 24.73
N THR E 41 -13.58 -8.48 23.80
CA THR E 41 -14.77 -8.78 23.01
C THR E 41 -15.83 -9.47 23.87
N SER E 42 -17.08 -9.25 23.52
CA SER E 42 -18.25 -9.84 24.21
C SER E 42 -18.21 -9.36 25.66
N HIS E 43 -18.58 -10.20 26.63
CA HIS E 43 -18.58 -9.86 28.04
C HIS E 43 -17.42 -10.59 28.70
N GLY E 44 -16.30 -9.90 28.85
CA GLY E 44 -15.13 -10.50 29.47
C GLY E 44 -15.25 -10.56 30.98
N ARG E 45 -14.52 -11.48 31.58
CA ARG E 45 -14.51 -11.68 33.03
C ARG E 45 -13.15 -11.29 33.59
N VAL E 46 -12.86 -9.99 33.53
CA VAL E 46 -11.59 -9.45 34.02
C VAL E 46 -11.72 -9.28 35.53
N GLY E 47 -11.15 -10.22 36.28
CA GLY E 47 -11.19 -10.19 37.73
C GLY E 47 -10.05 -9.39 38.34
N ALA E 48 -9.67 -9.77 39.55
CA ALA E 48 -8.59 -9.11 40.27
C ALA E 48 -7.22 -9.71 39.99
N THR E 49 -7.16 -10.85 39.30
CA THR E 49 -5.90 -11.52 38.99
C THR E 49 -5.34 -11.12 37.62
N ALA E 50 -6.02 -10.24 36.89
CA ALA E 50 -5.58 -9.80 35.59
C ALA E 50 -5.17 -8.32 35.55
N ALA E 51 -5.39 -7.59 36.64
CA ALA E 51 -5.03 -6.18 36.69
C ALA E 51 -3.73 -5.91 37.43
N VAL E 52 -3.39 -6.72 38.43
CA VAL E 52 -2.15 -6.52 39.17
C VAL E 52 -0.95 -6.81 38.28
N TYR E 53 -1.04 -7.86 37.46
CA TYR E 53 0.05 -8.19 36.54
C TYR E 53 0.14 -7.21 35.37
N SER E 54 -0.95 -6.49 35.07
CA SER E 54 -0.95 -5.54 33.97
C SER E 54 -0.47 -4.16 34.39
N ALA E 55 -0.85 -3.71 35.59
CA ALA E 55 -0.44 -2.40 36.07
C ALA E 55 1.03 -2.39 36.50
N ALA E 56 1.56 -3.53 36.94
CA ALA E 56 2.94 -3.58 37.39
C ALA E 56 3.91 -3.32 36.25
N ILE E 57 3.63 -3.89 35.06
CA ILE E 57 4.49 -3.67 33.92
C ILE E 57 4.47 -2.20 33.49
N LEU E 58 3.28 -1.59 33.53
CA LEU E 58 3.17 -0.18 33.18
C LEU E 58 3.92 0.70 34.19
N GLU E 59 3.81 0.38 35.48
CA GLU E 59 4.53 1.14 36.48
C GLU E 59 6.04 0.99 36.33
N TYR E 60 6.49 -0.22 36.01
CA TYR E 60 7.93 -0.43 35.80
C TYR E 60 8.42 0.32 34.58
N LEU E 61 7.65 0.30 33.49
CA LEU E 61 8.05 1.02 32.28
C LEU E 61 8.03 2.52 32.50
N THR E 62 7.12 3.03 33.34
CA THR E 62 7.11 4.46 33.63
C THR E 62 8.26 4.86 34.54
N ALA E 63 8.62 3.98 35.48
CA ALA E 63 9.70 4.31 36.40
C ALA E 63 11.07 4.17 35.75
N GLU E 64 11.20 3.30 34.75
CA GLU E 64 12.49 3.10 34.09
C GLU E 64 12.92 4.37 33.35
N VAL E 65 11.99 5.00 32.64
CA VAL E 65 12.32 6.22 31.90
C VAL E 65 12.70 7.34 32.88
N LEU E 66 11.98 7.43 34.00
CA LEU E 66 12.30 8.46 34.99
C LEU E 66 13.67 8.22 35.60
N GLU E 67 14.00 6.97 35.92
CA GLU E 67 15.31 6.66 36.48
C GLU E 67 16.43 6.90 35.47
N LEU E 68 16.17 6.65 34.19
CA LEU E 68 17.19 6.90 33.17
C LEU E 68 17.36 8.38 32.90
N ALA E 69 16.28 9.17 33.06
CA ALA E 69 16.39 10.61 32.83
C ALA E 69 16.97 11.33 34.03
N GLY E 70 16.77 10.82 35.25
CA GLY E 70 17.31 11.46 36.43
C GLY E 70 18.82 11.39 36.53
N ASN E 71 19.46 10.45 35.81
CA ASN E 71 20.90 10.32 35.87
C ASN E 71 21.62 11.40 35.06
N ALA E 72 20.92 12.06 34.14
CA ALA E 72 21.52 13.11 33.32
C ALA E 72 21.07 14.51 33.72
N SER E 73 20.19 14.63 34.72
CA SER E 73 19.72 15.94 35.16
C SER E 73 20.63 16.58 36.21
N LYS E 74 21.47 15.79 36.87
CA LYS E 74 22.38 16.32 37.88
C LYS E 74 23.71 16.77 37.32
N ASP E 75 23.96 16.56 36.03
CA ASP E 75 25.23 16.97 35.43
C ASP E 75 25.19 18.42 34.95
N LEU E 76 24.00 18.94 34.62
CA LEU E 76 23.85 20.31 34.17
C LEU E 76 23.51 21.28 35.29
N LYS E 77 23.42 20.79 36.53
CA LYS E 77 23.10 21.62 37.70
C LYS E 77 21.77 22.34 37.51
N VAL E 78 20.70 21.56 37.43
CA VAL E 78 19.35 22.08 37.26
C VAL E 78 18.39 21.15 37.98
N LYS E 79 17.53 21.74 38.82
CA LYS E 79 16.55 20.96 39.57
C LYS E 79 15.24 20.77 38.82
N ARG E 80 14.94 21.62 37.85
CA ARG E 80 13.71 21.50 37.09
C ARG E 80 13.83 20.39 36.05
N ILE E 81 12.75 19.62 35.90
CA ILE E 81 12.72 18.51 34.95
C ILE E 81 12.46 19.08 33.56
N THR E 82 13.41 18.86 32.64
CA THR E 82 13.29 19.36 31.28
C THR E 82 12.87 18.24 30.33
N PRO E 83 12.05 18.54 29.33
CA PRO E 83 11.65 17.49 28.38
C PRO E 83 12.80 16.98 27.51
N ARG E 84 13.91 17.70 27.44
CA ARG E 84 15.04 17.23 26.64
C ARG E 84 15.72 16.01 27.27
N HIS E 85 15.69 15.91 28.60
CA HIS E 85 16.32 14.78 29.27
C HIS E 85 15.57 13.47 29.04
N LEU E 86 14.27 13.55 28.73
CA LEU E 86 13.51 12.33 28.49
C LEU E 86 13.80 11.73 27.12
N GLN E 87 14.13 12.56 26.13
CA GLN E 87 14.43 12.05 24.80
C GLN E 87 15.80 11.36 24.78
N LEU E 88 16.76 11.89 25.53
CA LEU E 88 18.08 11.27 25.56
C LEU E 88 18.07 9.94 26.32
N ALA E 89 17.15 9.79 27.28
CA ALA E 89 17.04 8.54 28.02
C ALA E 89 16.40 7.43 27.19
N ILE E 90 15.68 7.79 26.14
CA ILE E 90 15.02 6.81 25.27
C ILE E 90 15.86 6.52 24.03
N ARG E 91 16.27 7.57 23.32
CA ARG E 91 17.08 7.38 22.12
C ARG E 91 18.52 7.00 22.42
N GLY E 92 19.00 7.26 23.64
CA GLY E 92 20.36 6.90 23.97
C GLY E 92 20.56 5.42 24.23
N ASP E 93 19.57 4.75 24.81
CA ASP E 93 19.65 3.33 25.10
C ASP E 93 19.26 2.52 23.87
N GLU E 94 19.94 1.40 23.66
CA GLU E 94 19.67 0.53 22.53
C GLU E 94 18.47 -0.39 22.76
N GLU E 95 17.94 -0.45 23.97
CA GLU E 95 16.80 -1.30 24.28
C GLU E 95 15.46 -0.61 24.09
N LEU E 96 15.35 0.67 24.47
CA LEU E 96 14.12 1.41 24.32
C LEU E 96 13.97 2.07 22.96
N ASP E 97 15.06 2.19 22.20
CA ASP E 97 14.98 2.81 20.88
C ASP E 97 14.35 1.88 19.86
N SER E 98 14.60 0.58 19.97
CA SER E 98 14.03 -0.38 19.04
C SER E 98 12.56 -0.68 19.31
N LEU E 99 12.10 -0.49 20.54
CA LEU E 99 10.71 -0.74 20.90
C LEU E 99 9.83 0.47 20.60
N ILE E 100 10.14 1.61 21.19
CA ILE E 100 9.38 2.83 20.98
C ILE E 100 9.81 3.44 19.65
N LYS E 101 8.98 3.30 18.63
CA LYS E 101 9.26 3.83 17.30
C LYS E 101 8.75 5.26 17.11
N ALA E 102 8.19 5.87 18.14
CA ALA E 102 7.67 7.22 18.04
C ALA E 102 8.80 8.24 18.29
N THR E 103 8.47 9.51 18.07
CA THR E 103 9.40 10.61 18.26
C THR E 103 8.93 11.51 19.39
N ILE E 104 9.87 12.00 20.19
CA ILE E 104 9.55 12.87 21.31
C ILE E 104 9.33 14.28 20.79
N ALA E 105 8.18 14.87 21.11
CA ALA E 105 7.85 16.22 20.69
C ALA E 105 8.61 17.23 21.54
N GLY E 106 9.40 18.07 20.88
CA GLY E 106 10.17 19.07 21.59
C GLY E 106 11.38 18.51 22.30
N GLY E 107 12.22 17.78 21.58
CA GLY E 107 13.40 17.18 22.18
C GLY E 107 14.57 17.08 21.22
N GLY E 108 14.27 17.00 19.91
CA GLY E 108 15.32 16.90 18.92
C GLY E 108 15.88 15.49 18.83
N VAL E 109 17.11 15.40 18.36
CA VAL E 109 17.79 14.11 18.21
C VAL E 109 19.09 14.13 19.02
N ILE E 110 19.89 13.08 18.88
CA ILE E 110 21.16 12.97 19.61
C ILE E 110 22.26 13.61 18.77
N PRO E 111 23.22 14.30 19.37
CA PRO E 111 24.31 14.91 18.60
C PRO E 111 25.21 13.84 18.00
N HIS E 112 25.44 13.95 16.68
CA HIS E 112 26.28 13.00 15.96
C HIS E 112 27.64 13.62 15.71
N ILE E 113 28.70 12.84 15.93
CA ILE E 113 30.07 13.28 15.73
C ILE E 113 30.65 12.49 14.57
N HIS E 114 31.11 13.19 13.54
CA HIS E 114 31.69 12.57 12.36
C HIS E 114 32.97 13.32 11.97
N LYS E 115 33.75 12.68 11.10
CA LYS E 115 35.01 13.24 10.63
C LYS E 115 34.89 13.85 9.23
N SER E 116 33.67 14.14 8.78
CA SER E 116 33.42 14.72 7.47
C SER E 116 32.66 16.03 7.59
N LEU E 117 33.02 16.84 8.58
CA LEU E 117 32.39 18.14 8.81
C LEU E 117 33.41 19.26 8.85
N ILE E 118 34.49 19.12 8.09
CA ILE E 118 35.54 20.13 8.04
C ILE E 118 35.83 20.49 6.59
N GLY E 119 36.91 21.25 6.36
CA GLY E 119 37.26 21.64 5.02
C GLY E 119 38.25 20.70 4.36
N LYS E 120 38.34 20.80 3.04
CA LYS E 120 39.23 19.97 2.23
C LYS E 120 38.96 18.48 2.45
N LYS E 121 37.68 18.11 2.33
CA LYS E 121 37.22 16.72 2.52
C LYS E 121 37.59 16.29 3.93
N GLY E 122 38.18 15.12 4.12
CA GLY E 122 38.56 14.66 5.45
C GLY E 122 39.91 15.18 5.91
N LYS F 31 -19.97 17.00 34.52
CA LYS F 31 -18.75 16.82 33.73
C LYS F 31 -18.24 15.39 33.85
N THR F 32 -18.43 14.61 32.78
CA THR F 32 -18.00 13.22 32.72
C THR F 32 -16.89 13.12 31.68
N ARG F 33 -15.69 13.53 32.08
CA ARG F 33 -14.54 13.49 31.20
C ARG F 33 -13.76 12.19 31.38
N LYS F 34 -12.76 12.00 30.53
CA LYS F 34 -11.94 10.79 30.58
C LYS F 34 -10.93 10.89 31.71
N GLU F 35 -10.68 9.76 32.38
CA GLU F 35 -9.73 9.71 33.48
C GLU F 35 -8.31 9.67 32.93
N SER F 36 -7.52 10.69 33.25
CA SER F 36 -6.14 10.79 32.81
C SER F 36 -5.19 10.59 33.98
N TYR F 37 -3.99 10.10 33.67
CA TYR F 37 -2.97 9.84 34.68
C TYR F 37 -2.08 11.08 34.78
N ALA F 38 -2.45 11.99 35.68
CA ALA F 38 -1.70 13.23 35.88
C ALA F 38 -0.87 13.18 37.16
N ILE F 39 -1.53 13.02 38.31
CA ILE F 39 -0.82 12.95 39.59
C ILE F 39 -0.33 11.55 39.92
N TYR F 40 -0.68 10.56 39.11
CA TYR F 40 -0.25 9.19 39.39
C TYR F 40 1.27 9.06 39.27
N VAL F 41 1.87 9.73 38.30
CA VAL F 41 3.32 9.69 38.16
C VAL F 41 4.00 10.53 39.23
N TYR F 42 3.38 11.66 39.61
CA TYR F 42 3.95 12.51 40.65
C TYR F 42 3.93 11.82 42.01
N LYS F 43 2.90 11.01 42.28
CA LYS F 43 2.84 10.30 43.56
C LYS F 43 4.00 9.33 43.72
N VAL F 44 4.47 8.74 42.61
CA VAL F 44 5.61 7.85 42.68
C VAL F 44 6.94 8.62 42.60
N LEU F 45 6.96 9.75 41.90
CA LEU F 45 8.18 10.54 41.81
C LEU F 45 8.51 11.22 43.13
N LYS F 46 7.51 11.61 43.90
CA LYS F 46 7.75 12.26 45.18
C LYS F 46 8.20 11.29 46.26
N GLN F 47 7.90 10.00 46.11
CA GLN F 47 8.30 9.01 47.11
C GLN F 47 9.78 8.63 46.96
N VAL F 48 10.31 8.66 45.74
CA VAL F 48 11.71 8.31 45.50
C VAL F 48 12.61 9.53 45.56
N HIS F 49 12.24 10.59 44.84
CA HIS F 49 13.01 11.84 44.79
C HIS F 49 12.10 12.98 45.22
N PRO F 50 12.01 13.28 46.51
CA PRO F 50 11.14 14.38 46.95
C PRO F 50 11.69 15.76 46.63
N ASP F 51 12.99 15.88 46.32
CA ASP F 51 13.60 17.16 45.98
C ASP F 51 13.59 17.45 44.49
N THR F 52 12.61 16.96 43.76
CA THR F 52 12.49 17.16 42.32
C THR F 52 11.15 17.79 42.00
N GLY F 53 11.15 18.69 41.03
CA GLY F 53 9.93 19.37 40.62
C GLY F 53 9.67 19.28 39.12
N ILE F 54 8.46 18.89 38.76
CA ILE F 54 8.07 18.77 37.36
C ILE F 54 7.23 19.98 36.97
N SER F 55 7.15 20.22 35.66
CA SER F 55 6.38 21.33 35.12
C SER F 55 5.06 20.82 34.55
N SER F 56 4.30 21.74 33.95
CA SER F 56 3.01 21.41 33.36
C SER F 56 3.11 21.01 31.90
N LYS F 57 4.31 21.06 31.31
CA LYS F 57 4.50 20.68 29.91
C LYS F 57 5.07 19.30 29.73
N ALA F 58 5.91 18.84 30.67
CA ALA F 58 6.52 17.52 30.59
C ALA F 58 5.64 16.42 31.18
N MET F 59 4.46 16.76 31.69
CA MET F 59 3.58 15.76 32.27
C MET F 59 2.70 15.10 31.22
N SER F 60 2.21 15.89 30.25
CA SER F 60 1.35 15.34 29.20
C SER F 60 2.13 14.42 28.27
N ILE F 61 3.44 14.64 28.14
CA ILE F 61 4.25 13.77 27.29
C ILE F 61 4.39 12.40 27.93
N MET F 62 4.55 12.34 29.25
CA MET F 62 4.66 11.06 29.93
C MET F 62 3.31 10.40 30.15
N ASN F 63 2.23 11.18 30.23
CA ASN F 63 0.91 10.61 30.42
C ASN F 63 0.41 9.93 29.15
N SER F 64 0.70 10.51 27.98
CA SER F 64 0.25 9.91 26.73
C SER F 64 1.02 8.65 26.39
N PHE F 65 2.26 8.54 26.86
CA PHE F 65 3.05 7.34 26.56
C PHE F 65 2.45 6.09 27.18
N VAL F 66 1.99 6.19 28.44
CA VAL F 66 1.38 5.05 29.09
C VAL F 66 0.08 4.66 28.41
N ASN F 67 -0.73 5.66 28.02
CA ASN F 67 -1.98 5.38 27.33
C ASN F 67 -1.75 4.75 25.96
N ASP F 68 -0.67 5.13 25.28
CA ASP F 68 -0.36 4.55 23.98
C ASP F 68 0.23 3.15 24.12
N VAL F 69 0.98 2.89 25.20
CA VAL F 69 1.59 1.57 25.37
C VAL F 69 0.62 0.57 25.99
N PHE F 70 -0.45 1.04 26.65
CA PHE F 70 -1.42 0.12 27.23
C PHE F 70 -2.43 -0.37 26.20
N GLU F 71 -2.76 0.46 25.20
CA GLU F 71 -3.72 0.06 24.19
C GLU F 71 -3.20 -1.11 23.36
N ARG F 72 -1.90 -1.10 23.05
CA ARG F 72 -1.32 -2.20 22.28
C ARG F 72 -1.38 -3.51 23.07
N ILE F 73 -1.07 -3.44 24.37
CA ILE F 73 -1.13 -4.64 25.20
C ILE F 73 -2.57 -5.14 25.32
N ALA F 74 -3.53 -4.22 25.46
CA ALA F 74 -4.93 -4.61 25.54
C ALA F 74 -5.39 -5.27 24.25
N GLY F 75 -4.98 -4.72 23.10
CA GLY F 75 -5.35 -5.32 21.83
C GLY F 75 -4.72 -6.69 21.64
N GLU F 76 -3.45 -6.84 22.04
CA GLU F 76 -2.78 -8.13 21.92
C GLU F 76 -3.41 -9.17 22.85
N ALA F 77 -3.88 -8.75 24.02
CA ALA F 77 -4.54 -9.69 24.92
C ALA F 77 -5.94 -10.03 24.44
N SER F 78 -6.62 -9.10 23.77
CA SER F 78 -7.96 -9.37 23.28
C SER F 78 -7.93 -10.22 22.01
N ARG F 79 -6.91 -10.07 21.18
CA ARG F 79 -6.83 -10.84 19.94
C ARG F 79 -6.42 -12.29 20.19
N LEU F 80 -5.89 -12.59 21.38
CA LEU F 80 -5.47 -13.95 21.70
C LEU F 80 -6.59 -14.79 22.31
N ALA F 81 -7.82 -14.28 22.34
CA ALA F 81 -8.96 -15.00 22.89
C ALA F 81 -10.05 -15.30 21.87
N HIS F 82 -10.01 -14.66 20.69
CA HIS F 82 -11.03 -14.92 19.68
C HIS F 82 -10.76 -16.20 18.92
N TYR F 83 -9.49 -16.49 18.64
CA TYR F 83 -9.12 -17.69 17.90
C TYR F 83 -8.93 -18.91 18.79
N ASN F 84 -8.74 -18.70 20.10
CA ASN F 84 -8.54 -19.79 21.04
C ASN F 84 -9.83 -20.19 21.76
N LYS F 85 -10.97 -19.63 21.35
CA LYS F 85 -12.27 -19.93 21.96
C LYS F 85 -12.25 -19.65 23.46
N ARG F 86 -11.71 -18.48 23.82
CA ARG F 86 -11.62 -18.05 25.21
C ARG F 86 -12.41 -16.77 25.41
N SER F 87 -12.64 -16.45 26.68
CA SER F 87 -13.39 -15.24 27.04
C SER F 87 -12.96 -14.72 28.41
N THR F 88 -12.14 -15.49 29.11
CA THR F 88 -11.64 -15.13 30.43
C THR F 88 -10.15 -14.89 30.37
N ILE F 89 -9.73 -13.71 30.80
CA ILE F 89 -8.33 -13.33 30.81
C ILE F 89 -7.68 -13.87 32.07
N THR F 90 -6.70 -14.75 31.90
CA THR F 90 -5.99 -15.36 33.01
C THR F 90 -4.66 -14.63 33.24
N SER F 91 -3.72 -15.28 33.89
CA SER F 91 -2.42 -14.68 34.16
C SER F 91 -1.41 -14.88 33.03
N ARG F 92 -1.67 -15.84 32.13
CA ARG F 92 -0.74 -16.08 31.03
C ARG F 92 -0.90 -15.05 29.92
N GLU F 93 -2.11 -14.48 29.77
CA GLU F 93 -2.33 -13.49 28.72
C GLU F 93 -1.53 -12.21 28.98
N ILE F 94 -1.32 -11.85 30.25
CA ILE F 94 -0.52 -10.67 30.56
C ILE F 94 0.96 -10.95 30.38
N GLN F 95 1.42 -12.15 30.75
CA GLN F 95 2.83 -12.50 30.60
C GLN F 95 3.23 -12.74 29.15
N THR F 96 2.28 -13.13 28.29
CA THR F 96 2.61 -13.37 26.89
C THR F 96 2.88 -12.07 26.15
N ALA F 97 2.15 -11.00 26.48
CA ALA F 97 2.35 -9.73 25.80
C ALA F 97 3.73 -9.14 26.10
N VAL F 98 4.21 -9.30 27.34
CA VAL F 98 5.51 -8.79 27.70
C VAL F 98 6.62 -9.54 26.95
N ARG F 99 6.45 -10.85 26.76
CA ARG F 99 7.43 -11.62 26.03
C ARG F 99 7.36 -11.36 24.54
N LEU F 100 6.17 -11.04 24.02
CA LEU F 100 6.04 -10.76 22.59
C LEU F 100 6.58 -9.38 22.24
N LEU F 101 6.22 -8.36 23.01
CA LEU F 101 6.68 -7.00 22.74
C LEU F 101 8.13 -6.83 23.14
N LEU F 102 8.43 -6.91 24.44
CA LEU F 102 9.80 -6.75 24.89
C LEU F 102 10.61 -8.00 24.57
N PRO F 103 11.85 -7.85 24.13
CA PRO F 103 12.69 -8.99 23.80
C PRO F 103 13.22 -9.66 25.06
N GLY F 104 14.08 -10.66 24.86
CA GLY F 104 14.66 -11.39 25.97
C GLY F 104 15.70 -10.62 26.77
N GLU F 105 16.19 -9.50 26.25
CA GLU F 105 17.19 -8.70 26.93
C GLU F 105 16.58 -7.75 27.96
N LEU F 106 15.25 -7.66 28.04
CA LEU F 106 14.60 -6.79 29.01
C LEU F 106 13.40 -7.40 29.71
N ALA F 107 12.79 -8.46 29.18
CA ALA F 107 11.64 -9.09 29.81
C ALA F 107 12.03 -10.17 30.81
N LYS F 108 13.31 -10.30 31.14
CA LYS F 108 13.73 -11.31 32.11
C LYS F 108 13.43 -10.86 33.54
N HIS F 109 13.68 -9.59 33.85
CA HIS F 109 13.43 -9.08 35.18
C HIS F 109 11.96 -8.70 35.40
N ALA F 110 11.22 -8.45 34.33
CA ALA F 110 9.82 -8.06 34.48
C ALA F 110 9.00 -9.19 35.08
N VAL F 111 9.22 -10.43 34.63
CA VAL F 111 8.48 -11.56 35.18
C VAL F 111 8.85 -11.78 36.64
N SER F 112 10.12 -11.63 36.99
CA SER F 112 10.55 -11.80 38.37
C SER F 112 9.96 -10.72 39.28
N GLU F 113 9.83 -9.49 38.75
CA GLU F 113 9.23 -8.43 39.54
C GLU F 113 7.73 -8.59 39.67
N GLY F 114 7.08 -9.16 38.64
CA GLY F 114 5.64 -9.33 38.69
C GLY F 114 5.21 -10.55 39.50
N THR F 115 6.07 -11.56 39.60
CA THR F 115 5.72 -12.76 40.37
C THR F 115 5.62 -12.45 41.86
N LYS F 116 6.40 -11.49 42.34
CA LYS F 116 6.36 -11.15 43.76
C LYS F 116 5.01 -10.55 44.15
N ALA F 117 4.42 -9.75 43.26
CA ALA F 117 3.13 -9.14 43.55
C ALA F 117 2.03 -10.20 43.65
N VAL F 118 2.14 -11.27 42.86
CA VAL F 118 1.15 -12.34 42.95
C VAL F 118 1.44 -13.25 44.14
N THR F 119 2.71 -13.41 44.51
CA THR F 119 3.05 -14.25 45.65
C THR F 119 2.64 -13.59 46.97
N LYS F 120 2.77 -12.27 47.05
CA LYS F 120 2.39 -11.55 48.27
C LYS F 120 0.90 -11.29 48.36
N TYR F 121 0.16 -11.48 47.26
CA TYR F 121 -1.28 -11.26 47.30
C TYR F 121 -2.04 -12.49 47.77
N THR F 122 -1.64 -13.67 47.31
CA THR F 122 -2.28 -14.92 47.70
C THR F 122 -1.76 -15.47 49.02
N SER F 123 -0.77 -14.83 49.63
CA SER F 123 -0.23 -15.31 50.91
C SER F 123 -1.14 -14.91 52.06
N ALA F 124 -1.12 -13.64 52.44
CA ALA F 124 -1.94 -13.12 53.52
C ALA F 124 -2.48 -11.75 53.12
N LYS F 125 -3.15 -11.09 54.05
CA LYS F 125 -3.72 -9.78 53.79
C LYS F 125 -2.68 -8.68 53.97
N PRO G 43 36.06 27.02 3.67
CA PRO G 43 35.88 27.29 5.10
C PRO G 43 35.03 26.24 5.80
N GLY G 44 35.24 26.06 7.10
CA GLY G 44 34.47 25.09 7.86
C GLY G 44 34.44 25.39 9.34
N THR G 45 34.99 26.54 9.73
CA THR G 45 35.00 26.91 11.14
C THR G 45 33.74 27.64 11.56
N VAL G 46 33.07 28.32 10.61
CA VAL G 46 31.84 29.04 10.94
C VAL G 46 30.67 28.08 11.05
N ALA G 47 30.57 27.10 10.15
CA ALA G 47 29.49 26.15 10.16
C ALA G 47 29.69 25.03 11.18
N LEU G 48 30.85 24.98 11.84
CA LEU G 48 31.09 23.93 12.83
C LEU G 48 30.32 24.19 14.12
N ARG G 49 30.36 25.43 14.62
CA ARG G 49 29.64 25.77 15.84
C ARG G 49 28.14 25.91 15.63
N GLU G 50 27.71 26.17 14.39
CA GLU G 50 26.28 26.32 14.13
C GLU G 50 25.54 25.00 14.32
N ILE G 51 26.20 23.87 14.09
CA ILE G 51 25.56 22.57 14.31
C ILE G 51 25.35 22.33 15.79
N ARG G 52 26.35 22.64 16.62
CA ARG G 52 26.21 22.46 18.06
C ARG G 52 25.25 23.48 18.66
N ARG G 53 25.13 24.66 18.05
CA ARG G 53 24.19 25.65 18.55
C ARG G 53 22.75 25.22 18.32
N TYR G 54 22.50 24.41 17.30
CA TYR G 54 21.15 23.93 17.01
C TYR G 54 20.86 22.58 17.64
N GLN G 55 21.89 21.76 17.86
CA GLN G 55 21.69 20.45 18.47
C GLN G 55 21.53 20.51 19.99
N LYS G 56 21.76 21.68 20.59
CA LYS G 56 21.63 21.84 22.04
C LYS G 56 20.39 22.62 22.45
N SER G 57 19.72 23.29 21.53
CA SER G 57 18.53 24.07 21.82
C SER G 57 17.44 23.72 20.81
N THR G 58 16.23 23.47 21.30
CA THR G 58 15.09 23.14 20.45
C THR G 58 14.25 24.39 20.25
N GLU G 59 14.70 25.25 19.34
CA GLU G 59 14.00 26.48 19.05
C GLU G 59 12.87 26.24 18.06
N LEU G 60 11.93 27.20 18.01
CA LEU G 60 10.78 27.12 17.12
C LEU G 60 11.17 27.76 15.80
N LEU G 61 11.69 26.95 14.88
CA LEU G 61 12.10 27.44 13.58
C LEU G 61 10.95 27.49 12.57
N ILE G 62 9.79 26.96 12.92
CA ILE G 62 8.63 26.96 12.03
C ILE G 62 7.78 28.20 12.32
N ARG G 63 7.28 28.82 11.26
CA ARG G 63 6.45 30.01 11.40
C ARG G 63 5.07 29.63 11.92
N LYS G 64 4.32 30.64 12.34
CA LYS G 64 2.96 30.46 12.87
C LYS G 64 1.91 31.11 11.99
N LEU G 65 2.11 32.37 11.59
CA LEU G 65 1.11 33.03 10.75
C LEU G 65 1.21 32.62 9.30
N PRO G 66 2.39 32.66 8.64
CA PRO G 66 2.44 32.22 7.23
C PRO G 66 2.25 30.72 7.06
N PHE G 67 2.50 29.92 8.09
CA PHE G 67 2.35 28.48 7.97
C PHE G 67 0.88 28.05 8.01
N GLN G 68 0.02 28.82 8.66
CA GLN G 68 -1.38 28.45 8.74
C GLN G 68 -2.11 28.72 7.43
N ARG G 69 -1.68 29.73 6.67
CA ARG G 69 -2.32 30.04 5.41
C ARG G 69 -2.12 28.93 4.39
N LEU G 70 -0.93 28.30 4.40
CA LEU G 70 -0.67 27.20 3.48
C LEU G 70 -1.59 26.02 3.74
N VAL G 71 -1.92 25.76 5.01
CA VAL G 71 -2.84 24.68 5.33
C VAL G 71 -4.28 25.08 5.05
N ARG G 72 -4.62 26.35 5.29
CA ARG G 72 -5.98 26.81 5.04
C ARG G 72 -6.31 26.83 3.55
N GLU G 73 -5.33 27.15 2.70
CA GLU G 73 -5.59 27.15 1.27
C GLU G 73 -5.95 25.78 0.74
N ILE G 74 -5.38 24.72 1.34
CA ILE G 74 -5.72 23.37 0.94
C ILE G 74 -6.98 22.87 1.65
N ALA G 75 -7.23 23.33 2.88
CA ALA G 75 -8.43 22.91 3.59
C ALA G 75 -9.69 23.52 3.00
N GLN G 76 -9.59 24.72 2.43
CA GLN G 76 -10.76 25.37 1.83
C GLN G 76 -11.15 24.74 0.50
N ASP G 77 -10.24 23.99 -0.14
CA ASP G 77 -10.55 23.38 -1.42
C ASP G 77 -11.37 22.09 -1.24
N PHE G 78 -11.19 21.38 -0.13
CA PHE G 78 -11.93 20.15 0.09
C PHE G 78 -13.36 20.45 0.53
N LYS G 79 -13.51 21.19 1.62
CA LYS G 79 -14.83 21.54 2.15
C LYS G 79 -14.77 22.96 2.72
N THR G 80 -15.75 23.78 2.35
CA THR G 80 -15.80 25.15 2.82
C THR G 80 -16.38 25.20 4.23
N ASP G 81 -16.28 26.39 4.84
CA ASP G 81 -16.78 26.66 6.19
C ASP G 81 -16.15 25.69 7.20
N LEU G 82 -14.89 25.97 7.49
CA LEU G 82 -14.09 25.18 8.43
C LEU G 82 -13.58 26.07 9.55
N ARG G 83 -12.95 25.43 10.53
CA ARG G 83 -12.40 26.15 11.67
C ARG G 83 -11.21 25.38 12.22
N PHE G 84 -10.29 26.11 12.83
CA PHE G 84 -9.09 25.53 13.41
C PHE G 84 -8.84 26.14 14.78
N GLN G 85 -7.92 25.53 15.52
CA GLN G 85 -7.56 25.97 16.86
C GLN G 85 -6.10 26.43 16.87
N SER G 86 -5.58 26.63 18.08
CA SER G 86 -4.20 27.05 18.25
C SER G 86 -3.27 25.92 18.69
N SER G 87 -3.82 24.90 19.35
CA SER G 87 -2.98 23.78 19.78
C SER G 87 -2.70 22.81 18.64
N ALA G 88 -3.59 22.74 17.65
CA ALA G 88 -3.37 21.84 16.53
C ALA G 88 -2.16 22.26 15.71
N VAL G 89 -1.97 23.57 15.50
CA VAL G 89 -0.82 24.04 14.76
C VAL G 89 0.47 23.70 15.49
N MET G 90 0.47 23.87 16.81
CA MET G 90 1.66 23.53 17.59
C MET G 90 1.94 22.03 17.56
N ALA G 91 0.89 21.22 17.66
CA ALA G 91 1.07 19.77 17.61
C ALA G 91 1.57 19.32 16.24
N LEU G 92 1.15 19.98 15.17
CA LEU G 92 1.63 19.64 13.84
C LEU G 92 3.08 20.10 13.66
N GLN G 93 3.43 21.27 14.19
CA GLN G 93 4.80 21.76 14.08
C GLN G 93 5.76 20.89 14.88
N GLU G 94 5.34 20.40 16.04
CA GLU G 94 6.20 19.55 16.85
C GLU G 94 6.50 18.24 16.14
N ALA G 95 5.57 17.75 15.32
CA ALA G 95 5.82 16.53 14.55
C ALA G 95 6.62 16.82 13.29
N SER G 96 6.38 17.97 12.66
CA SER G 96 7.12 18.32 11.46
C SER G 96 8.59 18.61 11.75
N GLU G 97 8.88 19.18 12.92
CA GLU G 97 10.27 19.44 13.29
C GLU G 97 11.07 18.15 13.43
N ALA G 98 10.42 17.06 13.83
CA ALA G 98 11.11 15.78 13.91
C ALA G 98 11.11 15.06 12.57
N TYR G 99 10.04 15.22 11.79
CA TYR G 99 9.97 14.57 10.48
C TYR G 99 11.02 15.15 9.54
N LEU G 100 11.29 16.45 9.62
CA LEU G 100 12.31 17.06 8.78
C LEU G 100 13.68 16.49 9.09
N VAL G 101 14.01 16.34 10.38
CA VAL G 101 15.30 15.77 10.76
C VAL G 101 15.38 14.31 10.35
N ALA G 102 14.27 13.57 10.49
CA ALA G 102 14.27 12.16 10.11
C ALA G 102 14.47 11.99 8.60
N LEU G 103 13.91 12.91 7.81
CA LEU G 103 14.09 12.85 6.36
C LEU G 103 15.46 13.31 5.94
N PHE G 104 16.05 14.27 6.67
CA PHE G 104 17.38 14.75 6.32
C PHE G 104 18.48 13.78 6.73
N GLU G 105 18.27 13.02 7.81
CA GLU G 105 19.28 12.06 8.24
C GLU G 105 19.45 10.94 7.22
N ASP G 106 18.34 10.46 6.63
CA ASP G 106 18.44 9.41 5.63
C ASP G 106 19.18 9.88 4.39
N THR G 107 19.04 11.16 4.03
CA THR G 107 19.76 11.69 2.88
C THR G 107 21.22 11.97 3.21
N ASN G 108 21.51 12.37 4.45
CA ASN G 108 22.90 12.64 4.82
C ASN G 108 23.69 11.35 5.02
N LEU G 109 23.03 10.27 5.43
CA LEU G 109 23.72 9.00 5.61
C LEU G 109 24.09 8.33 4.30
N CYS G 110 23.44 8.71 3.20
CA CYS G 110 23.72 8.13 1.89
C CYS G 110 24.88 8.79 1.18
N ALA G 111 25.62 9.68 1.85
CA ALA G 111 26.76 10.36 1.25
C ALA G 111 28.09 9.98 1.87
N ILE G 112 28.10 9.33 3.04
CA ILE G 112 29.35 8.96 3.67
C ILE G 112 29.98 7.78 2.94
N HIS G 113 29.18 6.79 2.56
CA HIS G 113 29.72 5.64 1.85
C HIS G 113 30.15 6.00 0.43
N ALA G 114 29.44 6.93 -0.21
CA ALA G 114 29.76 7.37 -1.55
C ALA G 114 30.85 8.44 -1.60
N LYS G 115 31.45 8.76 -0.45
CA LYS G 115 32.51 9.77 -0.36
C LYS G 115 32.02 11.12 -0.89
N ARG G 116 31.00 11.66 -0.24
CA ARG G 116 30.42 12.94 -0.61
C ARG G 116 30.03 13.72 0.64
N VAL G 117 30.03 15.04 0.52
CA VAL G 117 29.67 15.91 1.63
C VAL G 117 28.50 16.82 1.31
N THR G 118 28.04 16.85 0.06
CA THR G 118 26.91 17.69 -0.34
C THR G 118 25.72 16.81 -0.67
N ILE G 119 24.55 17.18 -0.16
CA ILE G 119 23.34 16.41 -0.41
C ILE G 119 22.85 16.67 -1.84
N MET G 120 22.08 15.71 -2.36
CA MET G 120 21.53 15.81 -3.71
C MET G 120 20.05 15.47 -3.69
N PRO G 121 19.24 16.15 -4.49
CA PRO G 121 17.80 15.86 -4.52
C PRO G 121 17.47 14.49 -5.09
N LYS G 122 18.38 13.88 -5.86
CA LYS G 122 18.11 12.57 -6.42
C LYS G 122 18.18 11.46 -5.38
N ASP G 123 18.86 11.69 -4.26
CA ASP G 123 18.97 10.67 -3.23
C ASP G 123 17.69 10.56 -2.39
N ILE G 124 16.92 11.64 -2.31
CA ILE G 124 15.69 11.61 -1.52
C ILE G 124 14.67 10.68 -2.15
N GLN G 125 14.55 10.72 -3.48
CA GLN G 125 13.60 9.84 -4.16
C GLN G 125 14.01 8.38 -4.05
N LEU G 126 15.30 8.10 -4.00
CA LEU G 126 15.76 6.72 -3.82
C LEU G 126 15.61 6.24 -2.38
N ALA G 127 15.76 7.14 -1.41
CA ALA G 127 15.61 6.76 -0.02
C ALA G 127 14.14 6.61 0.38
N ARG G 128 13.24 7.37 -0.26
CA ARG G 128 11.83 7.28 0.06
C ARG G 128 11.20 5.98 -0.44
N ARG G 129 11.82 5.31 -1.41
CA ARG G 129 11.28 4.06 -1.93
C ARG G 129 11.47 2.89 -0.98
N ILE G 130 12.37 2.99 -0.01
CA ILE G 130 12.60 1.90 0.94
C ILE G 130 11.55 1.89 2.04
N ARG G 131 11.13 3.08 2.50
CA ARG G 131 10.13 3.15 3.56
C ARG G 131 8.76 2.77 3.04
N GLY G 132 8.28 3.47 2.00
CA GLY G 132 6.98 3.17 1.44
C GLY G 132 6.28 4.40 0.90
N GLU G 133 6.89 5.58 1.10
CA GLU G 133 6.29 6.81 0.61
C GLU G 133 6.51 6.98 -0.89
N ARG G 134 7.69 6.61 -1.37
CA ARG G 134 8.06 6.71 -2.80
C ARG G 134 7.95 8.17 -3.21
N ALA G 135 7.40 8.47 -4.38
CA ALA G 135 7.26 9.85 -4.83
C ALA G 135 5.79 10.22 -5.01
N ARG H 23 2.57 38.56 -0.43
CA ARG H 23 2.93 37.44 -1.29
C ARG H 23 1.87 36.33 -1.22
N ASP H 24 2.10 35.25 -1.94
CA ASP H 24 1.17 34.13 -1.95
C ASP H 24 1.42 33.22 -0.74
N ASN H 25 0.51 32.26 -0.55
CA ASN H 25 0.62 31.33 0.56
C ASN H 25 1.67 30.26 0.33
N ILE H 26 2.07 30.02 -0.92
CA ILE H 26 3.08 29.00 -1.22
C ILE H 26 4.49 29.46 -0.91
N GLN H 27 4.69 30.76 -0.68
CA GLN H 27 6.01 31.32 -0.37
C GLN H 27 6.24 31.45 1.12
N GLY H 28 5.68 30.55 1.92
CA GLY H 28 5.85 30.59 3.36
C GLY H 28 7.22 30.13 3.82
N ILE H 29 7.67 29.00 3.28
CA ILE H 29 8.98 28.45 3.64
C ILE H 29 10.06 29.24 2.90
N THR H 30 10.96 29.85 3.67
CA THR H 30 12.03 30.64 3.10
C THR H 30 13.27 29.77 2.87
N LYS H 31 14.35 30.40 2.39
CA LYS H 31 15.60 29.69 2.13
C LYS H 31 16.37 29.42 3.41
N PRO H 32 16.59 30.41 4.30
CA PRO H 32 17.32 30.11 5.54
C PRO H 32 16.55 29.22 6.50
N ALA H 33 15.22 29.12 6.36
CA ALA H 33 14.45 28.27 7.25
C ALA H 33 14.81 26.80 7.07
N ILE H 34 15.08 26.39 5.83
CA ILE H 34 15.47 25.00 5.59
C ILE H 34 16.92 24.76 6.02
N ARG H 35 17.78 25.77 5.86
CA ARG H 35 19.17 25.61 6.28
C ARG H 35 19.29 25.54 7.80
N ARG H 36 18.44 26.27 8.52
CA ARG H 36 18.47 26.22 9.98
C ARG H 36 17.94 24.89 10.51
N LEU H 37 17.16 24.16 9.72
CA LEU H 37 16.63 22.87 10.16
C LEU H 37 17.48 21.71 9.69
N ALA H 38 18.17 21.84 8.55
CA ALA H 38 19.01 20.76 8.07
C ALA H 38 20.31 20.64 8.85
N ARG H 39 20.69 21.68 9.59
CA ARG H 39 21.92 21.64 10.38
C ARG H 39 21.79 20.82 11.66
N ARG H 40 20.56 20.45 12.05
CA ARG H 40 20.38 19.66 13.26
C ARG H 40 20.77 18.21 13.06
N GLY H 41 20.57 17.67 11.86
CA GLY H 41 20.92 16.29 11.58
C GLY H 41 22.41 16.07 11.40
N GLY H 42 23.03 16.90 10.57
CA GLY H 42 24.46 16.79 10.31
C GLY H 42 24.83 17.11 8.88
N VAL H 43 23.99 17.86 8.19
CA VAL H 43 24.24 18.23 6.80
C VAL H 43 25.27 19.35 6.78
N LYS H 44 26.35 19.15 6.02
CA LYS H 44 27.39 20.16 5.92
C LYS H 44 27.06 21.20 4.86
N ARG H 45 26.94 20.76 3.61
CA ARG H 45 26.62 21.65 2.50
C ARG H 45 25.21 21.39 2.00
N ILE H 46 24.50 22.47 1.68
CA ILE H 46 23.12 22.39 1.20
C ILE H 46 23.08 22.91 -0.23
N SER H 47 22.51 22.12 -1.13
CA SER H 47 22.42 22.51 -2.53
C SER H 47 21.35 23.57 -2.72
N GLY H 48 21.32 24.13 -3.93
CA GLY H 48 20.35 25.17 -4.26
C GLY H 48 19.00 24.63 -4.66
N LEU H 49 18.96 23.40 -5.17
CA LEU H 49 17.71 22.78 -5.58
C LEU H 49 16.90 22.24 -4.41
N ILE H 50 17.48 22.17 -3.21
CA ILE H 50 16.75 21.65 -2.06
C ILE H 50 15.63 22.61 -1.67
N TYR H 51 15.88 23.92 -1.77
CA TYR H 51 14.87 24.91 -1.40
C TYR H 51 13.64 24.82 -2.30
N GLU H 52 13.82 24.35 -3.54
CA GLU H 52 12.71 24.18 -4.47
C GLU H 52 12.15 22.76 -4.49
N GLU H 53 12.89 21.78 -3.97
CA GLU H 53 12.44 20.40 -3.95
C GLU H 53 11.79 20.00 -2.63
N THR H 54 12.05 20.73 -1.54
CA THR H 54 11.46 20.35 -0.26
C THR H 54 9.97 20.68 -0.21
N ARG H 55 9.53 21.72 -0.91
CA ARG H 55 8.13 22.09 -0.90
C ARG H 55 7.27 21.03 -1.58
N GLY H 56 7.78 20.42 -2.65
CA GLY H 56 7.04 19.38 -3.34
C GLY H 56 6.77 18.17 -2.47
N VAL H 57 7.67 17.88 -1.53
CA VAL H 57 7.46 16.78 -0.60
C VAL H 57 6.63 17.22 0.60
N LEU H 58 6.81 18.46 1.05
CA LEU H 58 6.03 18.96 2.18
C LEU H 58 4.55 19.08 1.83
N LYS H 59 4.23 19.43 0.58
CA LYS H 59 2.82 19.49 0.17
C LYS H 59 2.16 18.13 0.27
N VAL H 60 2.83 17.09 -0.23
CA VAL H 60 2.27 15.75 -0.16
C VAL H 60 2.22 15.25 1.28
N PHE H 61 3.20 15.62 2.10
CA PHE H 61 3.18 15.21 3.50
C PHE H 61 2.05 15.88 4.28
N LEU H 62 1.71 17.12 3.93
CA LEU H 62 0.64 17.83 4.62
C LEU H 62 -0.74 17.45 4.07
N GLU H 63 -0.82 17.03 2.81
CA GLU H 63 -2.10 16.63 2.24
C GLU H 63 -2.65 15.39 2.91
N ASN H 64 -1.78 14.45 3.30
CA ASN H 64 -2.24 13.24 3.98
C ASN H 64 -2.88 13.55 5.32
N VAL H 65 -2.40 14.59 6.01
CA VAL H 65 -3.01 14.97 7.28
C VAL H 65 -4.24 15.86 7.04
N ILE H 66 -4.24 16.66 5.99
CA ILE H 66 -5.39 17.52 5.69
C ILE H 66 -6.59 16.67 5.30
N ARG H 67 -6.39 15.65 4.47
CA ARG H 67 -7.50 14.80 4.06
C ARG H 67 -8.04 13.99 5.23
N ASP H 68 -7.22 13.73 6.25
CA ASP H 68 -7.67 12.96 7.41
C ASP H 68 -8.34 13.84 8.46
N ALA H 69 -7.91 15.10 8.60
CA ALA H 69 -8.51 15.97 9.59
C ALA H 69 -9.97 16.27 9.26
N VAL H 70 -10.27 16.54 8.00
CA VAL H 70 -11.66 16.80 7.60
C VAL H 70 -12.52 15.57 7.81
N THR H 71 -11.97 14.39 7.52
CA THR H 71 -12.73 13.15 7.73
C THR H 71 -13.00 12.92 9.21
N TYR H 72 -12.00 13.16 10.06
CA TYR H 72 -12.19 12.98 11.50
C TYR H 72 -13.16 14.01 12.05
N THR H 73 -13.19 15.22 11.48
CA THR H 73 -14.13 16.23 11.94
C THR H 73 -15.57 15.89 11.50
N GLU H 74 -15.73 15.39 10.27
CA GLU H 74 -17.05 15.03 9.79
C GLU H 74 -17.57 13.75 10.43
N HIS H 75 -16.69 12.87 10.89
CA HIS H 75 -17.13 11.63 11.53
C HIS H 75 -17.77 11.90 12.89
N ALA H 76 -17.31 12.94 13.59
CA ALA H 76 -17.84 13.29 14.89
C ALA H 76 -18.97 14.32 14.82
N LYS H 77 -19.44 14.63 13.62
CA LYS H 77 -20.52 15.60 13.42
C LYS H 77 -20.16 16.96 14.02
N ARG H 78 -18.94 17.41 13.76
CA ARG H 78 -18.43 18.68 14.24
C ARG H 78 -17.97 19.53 13.07
N LYS H 79 -17.47 20.73 13.39
CA LYS H 79 -16.97 21.65 12.36
C LYS H 79 -15.68 22.33 12.75
N THR H 80 -14.99 21.86 13.78
CA THR H 80 -13.74 22.46 14.23
C THR H 80 -12.71 21.35 14.45
N VAL H 81 -11.53 21.53 13.86
CA VAL H 81 -10.45 20.54 13.98
C VAL H 81 -9.71 20.81 15.28
N THR H 82 -9.81 19.89 16.23
CA THR H 82 -9.16 20.00 17.52
C THR H 82 -7.83 19.26 17.51
N ALA H 83 -7.07 19.44 18.59
CA ALA H 83 -5.77 18.80 18.73
C ALA H 83 -5.87 17.35 19.16
N MET H 84 -7.03 16.89 19.64
CA MET H 84 -7.18 15.51 20.06
C MET H 84 -7.29 14.56 18.88
N ASP H 85 -7.82 15.02 17.75
CA ASP H 85 -7.96 14.18 16.57
C ASP H 85 -6.66 14.03 15.80
N VAL H 86 -5.72 14.97 15.94
CA VAL H 86 -4.46 14.89 15.22
C VAL H 86 -3.64 13.71 15.73
N VAL H 87 -3.67 13.46 17.03
CA VAL H 87 -2.90 12.35 17.60
C VAL H 87 -3.45 11.02 17.10
N TYR H 88 -4.77 10.92 16.92
CA TYR H 88 -5.36 9.69 16.40
C TYR H 88 -5.14 9.56 14.89
N ALA H 89 -5.09 10.67 14.17
CA ALA H 89 -4.87 10.61 12.73
C ALA H 89 -3.41 10.27 12.40
N LEU H 90 -2.46 10.74 13.22
CA LEU H 90 -1.06 10.47 12.98
C LEU H 90 -0.64 9.06 13.41
N LYS H 91 -1.51 8.33 14.11
CA LYS H 91 -1.17 6.99 14.55
C LYS H 91 -1.21 5.99 13.39
N ARG H 92 -2.15 6.18 12.46
CA ARG H 92 -2.26 5.28 11.32
C ARG H 92 -1.26 5.60 10.21
N GLN H 93 -0.72 6.82 10.19
CA GLN H 93 0.24 7.20 9.17
C GLN H 93 1.65 6.71 9.45
N GLY H 94 1.91 6.22 10.67
CA GLY H 94 3.23 5.73 11.04
C GLY H 94 4.09 6.72 11.78
N ARG H 95 3.70 7.99 11.82
CA ARG H 95 4.46 9.03 12.51
C ARG H 95 3.69 9.41 13.78
N THR H 96 3.78 8.53 14.77
CA THR H 96 3.09 8.76 16.05
C THR H 96 3.86 9.79 16.87
N LEU H 97 3.12 10.73 17.45
CA LEU H 97 3.71 11.79 18.27
C LEU H 97 2.91 11.92 19.56
N TYR H 98 3.60 11.97 20.69
CA TYR H 98 2.95 12.09 21.99
C TYR H 98 2.67 13.56 22.27
N GLY H 99 1.40 13.93 22.36
CA GLY H 99 1.01 15.30 22.64
C GLY H 99 -0.22 15.40 23.51
N PHE H 100 -1.30 15.95 22.95
CA PHE H 100 -2.56 16.12 23.68
C PHE H 100 -3.32 14.81 23.64
N GLY H 101 -3.01 13.93 24.59
CA GLY H 101 -3.66 12.64 24.65
C GLY H 101 -3.09 11.64 23.67
N GLY H 102 -3.87 10.59 23.40
CA GLY H 102 -3.46 9.56 22.47
C GLY H 102 -2.70 8.43 23.13
N ALA I 16 -37.95 -17.00 4.35
CA ALA I 16 -36.65 -16.60 4.88
C ALA I 16 -36.17 -15.31 4.22
N VAL I 17 -36.62 -14.16 4.75
CA VAL I 17 -36.22 -12.88 4.20
C VAL I 17 -34.80 -12.51 4.63
N SER I 18 -34.59 -12.37 5.94
CA SER I 18 -33.29 -12.02 6.52
C SER I 18 -32.86 -10.68 5.92
N ARG I 19 -31.61 -10.51 5.50
CA ARG I 19 -31.14 -9.26 4.93
C ARG I 19 -30.69 -9.37 3.48
N SER I 20 -30.54 -10.58 2.94
CA SER I 20 -30.11 -10.72 1.55
C SER I 20 -31.27 -10.53 0.58
N GLN I 21 -32.51 -10.70 1.05
CA GLN I 21 -33.67 -10.52 0.18
C GLN I 21 -33.98 -9.05 -0.07
N ARG I 22 -33.47 -8.15 0.77
CA ARG I 22 -33.71 -6.72 0.62
C ARG I 22 -32.51 -5.98 0.05
N ALA I 23 -31.42 -6.67 -0.26
CA ALA I 23 -30.23 -6.04 -0.82
C ALA I 23 -29.55 -7.03 -1.74
N GLY I 24 -29.50 -6.70 -3.03
CA GLY I 24 -28.88 -7.56 -4.01
C GLY I 24 -27.37 -7.43 -4.05
N LEU I 25 -26.67 -8.44 -3.53
CA LEU I 25 -25.21 -8.43 -3.51
C LEU I 25 -24.71 -9.85 -3.77
N GLN I 26 -23.46 -9.94 -4.21
CA GLN I 26 -22.85 -11.23 -4.49
C GLN I 26 -22.49 -11.96 -3.21
N PHE I 27 -21.84 -11.28 -2.28
CA PHE I 27 -21.45 -11.90 -1.02
C PHE I 27 -22.67 -12.05 -0.11
N PRO I 28 -22.73 -13.12 0.69
CA PRO I 28 -23.88 -13.30 1.58
C PRO I 28 -23.88 -12.26 2.69
N VAL I 29 -25.03 -11.60 2.88
CA VAL I 29 -25.13 -10.56 3.90
C VAL I 29 -25.20 -11.18 5.28
N GLY I 30 -25.85 -12.33 5.42
CA GLY I 30 -25.98 -12.98 6.71
C GLY I 30 -24.68 -13.51 7.27
N ARG I 31 -23.66 -13.66 6.42
CA ARG I 31 -22.37 -14.16 6.86
C ARG I 31 -21.40 -13.05 7.27
N ILE I 32 -21.84 -11.80 7.23
CA ILE I 32 -20.98 -10.68 7.62
C ILE I 32 -21.19 -10.29 9.08
N HIS I 33 -22.44 -10.33 9.55
CA HIS I 33 -22.75 -9.97 10.93
C HIS I 33 -22.46 -11.09 11.92
N ARG I 34 -21.97 -12.24 11.45
CA ARG I 34 -21.67 -13.34 12.37
C ARG I 34 -20.44 -13.03 13.21
N HIS I 35 -19.47 -12.29 12.67
CA HIS I 35 -18.27 -11.95 13.40
C HIS I 35 -18.36 -10.59 14.09
N LEU I 36 -19.28 -9.73 13.67
CA LEU I 36 -19.44 -8.42 14.27
C LEU I 36 -20.17 -8.46 15.62
N LYS I 37 -20.88 -9.54 15.91
CA LYS I 37 -21.60 -9.65 17.17
C LYS I 37 -20.68 -9.92 18.35
N SER I 38 -19.47 -10.42 18.11
CA SER I 38 -18.53 -10.70 19.19
C SER I 38 -17.90 -9.42 19.72
N ARG I 39 -17.61 -8.47 18.85
CA ARG I 39 -16.99 -7.20 19.25
C ARG I 39 -18.09 -6.26 19.71
N THR I 40 -18.49 -6.42 20.98
CA THR I 40 -19.53 -5.58 21.56
C THR I 40 -18.98 -4.30 22.17
N THR I 41 -17.78 -4.35 22.76
CA THR I 41 -17.14 -3.21 23.40
C THR I 41 -18.06 -2.56 24.44
N SER I 42 -18.19 -3.27 25.56
CA SER I 42 -19.03 -2.86 26.69
C SER I 42 -20.46 -2.71 26.18
N HIS I 43 -21.16 -1.61 26.48
CA HIS I 43 -22.53 -1.41 26.03
C HIS I 43 -22.49 -0.95 24.58
N GLY I 44 -22.60 -1.92 23.66
CA GLY I 44 -22.58 -1.65 22.24
C GLY I 44 -23.80 -2.20 21.54
N ARG I 45 -23.86 -1.93 20.24
CA ARG I 45 -24.97 -2.39 19.41
C ARG I 45 -24.50 -2.50 17.96
N VAL I 46 -24.91 -3.57 17.29
CA VAL I 46 -24.54 -3.83 15.90
C VAL I 46 -25.71 -3.42 15.01
N GLY I 47 -25.43 -2.57 14.03
CA GLY I 47 -26.47 -2.11 13.13
C GLY I 47 -26.75 -3.11 12.03
N ALA I 48 -27.88 -2.89 11.34
CA ALA I 48 -28.27 -3.78 10.26
C ALA I 48 -27.63 -3.37 8.94
N THR I 49 -27.54 -2.07 8.67
CA THR I 49 -26.94 -1.57 7.44
C THR I 49 -25.42 -1.59 7.47
N ALA I 50 -24.81 -1.78 8.64
CA ALA I 50 -23.36 -1.80 8.73
C ALA I 50 -22.77 -2.97 7.95
N ALA I 51 -23.33 -4.17 8.13
CA ALA I 51 -22.84 -5.34 7.40
C ALA I 51 -23.10 -5.20 5.91
N VAL I 52 -24.24 -4.61 5.53
CA VAL I 52 -24.55 -4.43 4.11
C VAL I 52 -23.57 -3.45 3.48
N TYR I 53 -23.18 -2.40 4.21
CA TYR I 53 -22.22 -1.44 3.68
C TYR I 53 -20.81 -2.02 3.66
N SER I 54 -20.48 -2.89 4.61
CA SER I 54 -19.14 -3.48 4.64
C SER I 54 -18.97 -4.58 3.60
N ALA I 55 -20.03 -5.31 3.27
CA ALA I 55 -19.91 -6.38 2.28
C ALA I 55 -19.73 -5.84 0.87
N ALA I 56 -20.28 -4.65 0.59
CA ALA I 56 -20.17 -4.09 -0.75
C ALA I 56 -18.72 -3.74 -1.09
N ILE I 57 -17.99 -3.16 -0.13
CA ILE I 57 -16.59 -2.82 -0.37
C ILE I 57 -15.77 -4.08 -0.60
N LEU I 58 -16.04 -5.14 0.18
CA LEU I 58 -15.32 -6.40 -0.01
C LEU I 58 -15.62 -7.01 -1.37
N GLU I 59 -16.89 -6.96 -1.79
CA GLU I 59 -17.25 -7.50 -3.10
C GLU I 59 -16.59 -6.71 -4.22
N TYR I 60 -16.54 -5.38 -4.08
CA TYR I 60 -15.89 -4.57 -5.10
C TYR I 60 -14.39 -4.85 -5.15
N LEU I 61 -13.74 -4.98 -3.99
CA LEU I 61 -12.32 -5.28 -3.96
C LEU I 61 -12.02 -6.66 -4.53
N THR I 62 -12.92 -7.62 -4.33
CA THR I 62 -12.73 -8.95 -4.90
C THR I 62 -12.93 -8.93 -6.42
N ALA I 63 -13.94 -8.20 -6.89
CA ALA I 63 -14.19 -8.11 -8.32
C ALA I 63 -13.08 -7.37 -9.05
N GLU I 64 -12.48 -6.37 -8.41
CA GLU I 64 -11.39 -5.63 -9.04
C GLU I 64 -10.20 -6.54 -9.34
N VAL I 65 -9.98 -7.57 -8.52
CA VAL I 65 -8.91 -8.52 -8.78
C VAL I 65 -9.38 -9.66 -9.69
N LEU I 66 -10.64 -10.07 -9.56
CA LEU I 66 -11.15 -11.15 -10.42
C LEU I 66 -11.22 -10.73 -11.88
N GLU I 67 -11.49 -9.45 -12.14
CA GLU I 67 -11.51 -8.97 -13.53
C GLU I 67 -10.10 -8.93 -14.10
N LEU I 68 -9.13 -8.48 -13.32
CA LEU I 68 -7.75 -8.43 -13.79
C LEU I 68 -7.19 -9.83 -14.02
N ALA I 69 -7.55 -10.78 -13.14
CA ALA I 69 -7.07 -12.15 -13.31
C ALA I 69 -7.62 -12.78 -14.58
N GLY I 70 -8.80 -12.36 -15.04
CA GLY I 70 -9.37 -12.87 -16.27
C GLY I 70 -8.87 -12.13 -17.49
N ASN I 71 -8.57 -10.84 -17.33
CA ASN I 71 -8.05 -10.05 -18.44
C ASN I 71 -6.58 -10.30 -18.72
N ALA I 72 -5.82 -10.74 -17.72
CA ALA I 72 -4.39 -11.01 -17.94
C ALA I 72 -4.18 -12.25 -18.81
N SER I 73 -5.12 -13.19 -18.79
CA SER I 73 -5.04 -14.41 -19.58
C SER I 73 -6.03 -14.34 -20.73
N LYS I 74 -5.52 -14.32 -21.95
CA LYS I 74 -6.37 -14.24 -23.14
C LYS I 74 -5.70 -14.88 -24.34
N ASP I 75 -4.43 -15.24 -24.19
CA ASP I 75 -3.66 -15.86 -25.27
C ASP I 75 -3.32 -17.31 -25.03
N LEU I 76 -3.11 -17.72 -23.78
CA LEU I 76 -2.77 -19.11 -23.47
C LEU I 76 -3.99 -20.01 -23.39
N LYS I 77 -5.10 -19.49 -22.86
CA LYS I 77 -6.35 -20.24 -22.72
C LYS I 77 -6.14 -21.53 -21.92
N VAL I 78 -5.41 -21.41 -20.81
CA VAL I 78 -5.12 -22.56 -19.95
C VAL I 78 -6.24 -22.70 -18.93
N LYS I 79 -6.63 -23.94 -18.65
CA LYS I 79 -7.68 -24.23 -17.69
C LYS I 79 -7.19 -24.26 -16.25
N ARG I 80 -5.91 -23.96 -16.02
CA ARG I 80 -5.34 -23.94 -14.68
C ARG I 80 -4.72 -22.57 -14.41
N ILE I 81 -5.24 -21.89 -13.38
CA ILE I 81 -4.74 -20.56 -13.03
C ILE I 81 -3.42 -20.72 -12.30
N THR I 82 -2.37 -20.10 -12.84
CA THR I 82 -1.06 -20.18 -12.23
C THR I 82 -0.88 -19.08 -11.18
N PRO I 83 -0.20 -19.37 -10.08
CA PRO I 83 0.01 -18.33 -9.05
C PRO I 83 0.87 -17.18 -9.52
N ARG I 84 1.71 -17.37 -10.55
CA ARG I 84 2.54 -16.28 -11.04
C ARG I 84 1.72 -15.25 -11.81
N HIS I 85 0.64 -15.68 -12.47
CA HIS I 85 -0.19 -14.75 -13.22
C HIS I 85 -1.05 -13.87 -12.32
N LEU I 86 -1.30 -14.31 -11.08
CA LEU I 86 -2.11 -13.52 -10.16
C LEU I 86 -1.35 -12.36 -9.55
N GLN I 87 -0.02 -12.37 -9.63
CA GLN I 87 0.79 -11.29 -9.08
C GLN I 87 0.86 -10.07 -9.99
N LEU I 88 0.35 -10.18 -11.22
CA LEU I 88 0.39 -9.06 -12.15
C LEU I 88 -0.63 -7.97 -11.81
N ALA I 89 -1.65 -8.28 -11.01
CA ALA I 89 -2.66 -7.30 -10.65
C ALA I 89 -2.27 -6.46 -9.43
N ILE I 90 -1.51 -7.03 -8.51
CA ILE I 90 -1.10 -6.29 -7.32
C ILE I 90 0.19 -5.53 -7.57
N ARG I 91 1.21 -6.22 -8.09
CA ARG I 91 2.50 -5.60 -8.37
C ARG I 91 2.51 -4.78 -9.66
N GLY I 92 1.44 -4.87 -10.45
CA GLY I 92 1.38 -4.12 -11.69
C GLY I 92 0.68 -2.78 -11.55
N ASP I 93 -0.07 -2.60 -10.47
CA ASP I 93 -0.79 -1.36 -10.21
C ASP I 93 -0.20 -0.68 -8.99
N GLU I 94 0.19 0.59 -9.15
CA GLU I 94 0.76 1.33 -8.04
C GLU I 94 -0.28 1.63 -6.97
N GLU I 95 -1.53 1.85 -7.36
CA GLU I 95 -2.60 2.10 -6.39
C GLU I 95 -2.98 0.85 -5.62
N LEU I 96 -2.69 -0.33 -6.16
CA LEU I 96 -3.01 -1.58 -5.48
C LEU I 96 -1.83 -2.13 -4.69
N ASP I 97 -0.60 -1.84 -5.11
CA ASP I 97 0.56 -2.33 -4.37
C ASP I 97 0.74 -1.58 -3.06
N SER I 98 0.40 -0.30 -3.02
CA SER I 98 0.54 0.49 -1.80
C SER I 98 -0.58 0.23 -0.80
N LEU I 99 -1.75 -0.22 -1.27
CA LEU I 99 -2.86 -0.49 -0.35
C LEU I 99 -2.67 -1.81 0.38
N ILE I 100 -2.17 -2.83 -0.32
CA ILE I 100 -1.95 -4.15 0.28
C ILE I 100 -0.54 -4.14 0.87
N LYS I 101 -0.44 -3.96 2.18
CA LYS I 101 0.84 -3.93 2.85
C LYS I 101 1.37 -5.32 3.17
N ALA I 102 0.58 -6.36 2.98
CA ALA I 102 1.02 -7.72 3.25
C ALA I 102 1.90 -8.24 2.12
N THR I 103 2.71 -9.24 2.44
CA THR I 103 3.63 -9.84 1.48
C THR I 103 2.92 -10.95 0.70
N ILE I 104 3.15 -10.99 -0.60
CA ILE I 104 2.54 -11.99 -1.47
C ILE I 104 3.27 -13.31 -1.30
N ALA I 105 2.53 -14.38 -1.06
CA ALA I 105 3.10 -15.71 -0.87
C ALA I 105 3.52 -16.25 -2.23
N GLY I 106 4.81 -16.19 -2.51
CA GLY I 106 5.38 -16.66 -3.75
C GLY I 106 6.45 -15.73 -4.26
N GLY I 107 7.33 -16.28 -5.11
CA GLY I 107 8.41 -15.51 -5.68
C GLY I 107 8.02 -14.80 -6.96
N GLY I 108 9.00 -14.14 -7.56
CA GLY I 108 8.78 -13.41 -8.79
C GLY I 108 8.50 -11.94 -8.57
N VAL I 109 9.23 -11.07 -9.26
CA VAL I 109 9.06 -9.63 -9.14
C VAL I 109 8.86 -9.03 -10.52
N ILE I 110 9.20 -7.75 -10.66
CA ILE I 110 9.07 -7.02 -11.92
C ILE I 110 10.47 -6.86 -12.51
N PRO I 111 10.72 -7.32 -13.74
CA PRO I 111 12.05 -7.17 -14.32
C PRO I 111 12.37 -5.73 -14.71
N HIS I 112 12.77 -4.93 -13.73
CA HIS I 112 13.11 -3.52 -13.95
C HIS I 112 14.46 -3.45 -14.66
N ILE I 113 14.41 -3.43 -15.99
CA ILE I 113 15.62 -3.36 -16.81
C ILE I 113 16.04 -1.91 -16.93
N HIS I 114 17.23 -1.59 -16.43
CA HIS I 114 17.77 -0.24 -16.47
C HIS I 114 18.81 -0.11 -17.60
N LYS I 115 19.04 1.13 -18.01
CA LYS I 115 19.99 1.40 -19.07
C LYS I 115 21.43 1.32 -18.59
N SER I 116 21.68 1.47 -17.29
CA SER I 116 23.04 1.39 -16.78
C SER I 116 23.52 -0.03 -16.57
N LEU I 117 22.60 -1.01 -16.57
CA LEU I 117 23.01 -2.40 -16.38
C LEU I 117 23.45 -3.05 -17.69
N ILE I 118 22.84 -2.67 -18.80
CA ILE I 118 23.20 -3.24 -20.09
C ILE I 118 24.40 -2.51 -20.67
N LYS J 31 -19.08 -18.07 13.62
CA LYS J 31 -18.96 -17.22 14.79
C LYS J 31 -17.50 -16.99 15.16
N THR J 32 -16.87 -18.02 15.74
CA THR J 32 -15.47 -17.94 16.14
C THR J 32 -14.64 -19.07 15.57
N ARG J 33 -15.16 -19.83 14.61
CA ARG J 33 -14.42 -20.92 14.01
C ARG J 33 -13.36 -20.40 13.05
N LYS J 34 -12.37 -21.25 12.76
CA LYS J 34 -11.30 -20.86 11.85
C LYS J 34 -11.73 -21.01 10.39
N GLU J 35 -12.32 -22.15 10.05
CA GLU J 35 -12.77 -22.41 8.68
C GLU J 35 -14.28 -22.20 8.60
N SER J 36 -14.68 -20.93 8.74
CA SER J 36 -16.10 -20.58 8.67
C SER J 36 -16.63 -20.52 7.25
N TYR J 37 -15.75 -20.38 6.25
CA TYR J 37 -16.15 -20.31 4.85
C TYR J 37 -15.60 -21.53 4.13
N ALA J 38 -16.50 -22.33 3.54
CA ALA J 38 -16.10 -23.52 2.82
C ALA J 38 -17.03 -23.78 1.64
N ILE J 39 -18.33 -23.54 1.83
CA ILE J 39 -19.28 -23.75 0.75
C ILE J 39 -19.24 -22.60 -0.25
N TYR J 40 -19.11 -21.37 0.25
CA TYR J 40 -19.06 -20.21 -0.64
C TYR J 40 -17.73 -20.10 -1.38
N VAL J 41 -16.68 -20.72 -0.85
CA VAL J 41 -15.37 -20.65 -1.52
C VAL J 41 -15.33 -21.58 -2.72
N TYR J 42 -15.89 -22.78 -2.58
CA TYR J 42 -15.91 -23.74 -3.68
C TYR J 42 -16.95 -23.40 -4.75
N LYS J 43 -17.93 -22.58 -4.42
CA LYS J 43 -18.96 -22.21 -5.39
C LYS J 43 -18.48 -21.18 -6.40
N VAL J 44 -17.37 -20.51 -6.14
CA VAL J 44 -16.83 -19.51 -7.05
C VAL J 44 -16.15 -20.22 -8.20
N LEU J 45 -16.77 -20.18 -9.39
CA LEU J 45 -16.22 -20.84 -10.56
C LEU J 45 -16.66 -20.12 -11.83
N LYS J 46 -17.84 -19.50 -11.80
CA LYS J 46 -18.37 -18.78 -12.94
C LYS J 46 -18.13 -17.28 -12.87
N GLN J 47 -17.40 -16.80 -11.87
CA GLN J 47 -17.12 -15.38 -11.73
C GLN J 47 -15.97 -14.93 -12.63
N VAL J 48 -15.20 -15.86 -13.18
CA VAL J 48 -14.08 -15.51 -14.06
C VAL J 48 -14.43 -15.88 -15.49
N HIS J 49 -13.42 -16.05 -16.32
CA HIS J 49 -13.64 -16.41 -17.72
C HIS J 49 -14.00 -17.89 -17.83
N PRO J 50 -14.90 -18.25 -18.75
CA PRO J 50 -15.28 -19.67 -18.90
C PRO J 50 -14.18 -20.53 -19.52
N ASP J 51 -13.14 -19.93 -20.08
CA ASP J 51 -12.05 -20.68 -20.70
C ASP J 51 -10.93 -20.98 -19.72
N THR J 52 -11.16 -20.85 -18.42
CA THR J 52 -10.15 -21.13 -17.42
C THR J 52 -10.82 -21.62 -16.15
N GLY J 53 -10.04 -22.30 -15.31
CA GLY J 53 -10.54 -22.82 -14.06
C GLY J 53 -9.56 -22.57 -12.93
N ILE J 54 -10.11 -22.43 -11.73
CA ILE J 54 -9.30 -22.18 -10.54
C ILE J 54 -8.70 -23.49 -10.06
N SER J 55 -7.43 -23.45 -9.66
CA SER J 55 -6.72 -24.62 -9.18
C SER J 55 -6.91 -24.75 -7.66
N SER J 56 -6.13 -25.62 -7.03
CA SER J 56 -6.22 -25.84 -5.60
C SER J 56 -5.29 -24.93 -4.80
N LYS J 57 -4.28 -24.35 -5.43
CA LYS J 57 -3.33 -23.46 -4.76
C LYS J 57 -3.65 -21.99 -4.96
N ALA J 58 -4.70 -21.66 -5.73
CA ALA J 58 -5.07 -20.29 -5.97
C ALA J 58 -6.32 -19.86 -5.21
N MET J 59 -6.97 -20.78 -4.49
CA MET J 59 -8.16 -20.45 -3.72
C MET J 59 -7.83 -19.96 -2.32
N SER J 60 -6.79 -20.51 -1.70
CA SER J 60 -6.41 -20.07 -0.36
C SER J 60 -5.83 -18.66 -0.36
N ILE J 61 -5.18 -18.26 -1.46
CA ILE J 61 -4.64 -16.91 -1.54
C ILE J 61 -5.77 -15.89 -1.72
N MET J 62 -6.85 -16.28 -2.39
CA MET J 62 -7.98 -15.38 -2.61
C MET J 62 -8.94 -15.35 -1.43
N ASN J 63 -9.06 -16.44 -0.69
CA ASN J 63 -9.96 -16.47 0.46
C ASN J 63 -9.43 -15.62 1.61
N SER J 64 -8.12 -15.68 1.85
CA SER J 64 -7.53 -14.91 2.94
C SER J 64 -7.46 -13.41 2.63
N PHE J 65 -7.41 -13.04 1.34
CA PHE J 65 -7.31 -11.64 0.98
C PHE J 65 -8.54 -10.86 1.45
N VAL J 66 -9.74 -11.42 1.22
CA VAL J 66 -10.95 -10.74 1.66
C VAL J 66 -11.11 -10.85 3.17
N ASN J 67 -10.66 -11.96 3.77
CA ASN J 67 -10.79 -12.14 5.21
C ASN J 67 -9.93 -11.13 5.97
N ASP J 68 -8.74 -10.83 5.46
CA ASP J 68 -7.89 -9.84 6.12
C ASP J 68 -8.53 -8.46 6.09
N VAL J 69 -9.10 -8.07 4.94
CA VAL J 69 -9.75 -6.77 4.85
C VAL J 69 -10.99 -6.73 5.76
N PHE J 70 -11.73 -7.83 5.83
CA PHE J 70 -12.90 -7.87 6.70
C PHE J 70 -12.49 -7.73 8.17
N GLU J 71 -11.42 -8.42 8.57
CA GLU J 71 -10.94 -8.32 9.94
C GLU J 71 -10.44 -6.90 10.25
N ARG J 72 -9.74 -6.28 9.29
CA ARG J 72 -9.28 -4.92 9.50
C ARG J 72 -10.45 -3.95 9.63
N ILE J 73 -11.49 -4.12 8.82
CA ILE J 73 -12.66 -3.25 8.90
C ILE J 73 -13.37 -3.46 10.24
N ALA J 74 -13.50 -4.71 10.68
CA ALA J 74 -14.16 -4.98 11.95
C ALA J 74 -13.36 -4.41 13.12
N GLY J 75 -12.02 -4.45 13.04
CA GLY J 75 -11.21 -3.88 14.09
C GLY J 75 -11.22 -2.37 14.09
N GLU J 76 -11.32 -1.74 12.92
CA GLU J 76 -11.38 -0.29 12.85
C GLU J 76 -12.73 0.25 13.27
N ALA J 77 -13.81 -0.50 12.98
CA ALA J 77 -15.13 -0.03 13.38
C ALA J 77 -15.32 -0.08 14.89
N SER J 78 -14.71 -1.06 15.55
CA SER J 78 -14.77 -1.18 16.99
C SER J 78 -13.75 -0.30 17.72
N ARG J 79 -12.93 0.45 16.98
CA ARG J 79 -11.92 1.32 17.57
C ARG J 79 -12.14 2.79 17.27
N LEU J 80 -12.77 3.13 16.14
CA LEU J 80 -13.02 4.52 15.80
C LEU J 80 -14.26 5.09 16.47
N ALA J 81 -14.95 4.30 17.30
CA ALA J 81 -16.16 4.76 17.98
C ALA J 81 -15.89 5.23 19.41
N HIS J 82 -14.81 4.78 20.03
CA HIS J 82 -14.51 5.20 21.40
C HIS J 82 -13.89 6.58 21.45
N TYR J 83 -13.15 6.98 20.41
CA TYR J 83 -12.52 8.29 20.40
C TYR J 83 -13.52 9.41 20.10
N ASN J 84 -14.61 9.08 19.42
CA ASN J 84 -15.64 10.06 19.08
C ASN J 84 -16.89 9.93 19.94
N LYS J 85 -16.82 9.17 21.04
CA LYS J 85 -17.94 8.95 21.95
C LYS J 85 -19.15 8.39 21.21
N ARG J 86 -19.01 7.12 20.82
CA ARG J 86 -20.04 6.40 20.11
C ARG J 86 -20.08 4.96 20.59
N SER J 87 -21.14 4.25 20.19
CA SER J 87 -21.31 2.85 20.59
C SER J 87 -22.06 2.08 19.50
N THR J 88 -23.13 2.67 18.98
CA THR J 88 -23.93 2.04 17.94
C THR J 88 -23.25 2.21 16.58
N ILE J 89 -22.93 1.11 15.93
CA ILE J 89 -22.28 1.14 14.61
C ILE J 89 -23.40 1.19 13.57
N THR J 90 -23.72 2.40 13.12
CA THR J 90 -24.78 2.61 12.14
C THR J 90 -24.16 2.61 10.74
N SER J 91 -24.83 3.23 9.78
CA SER J 91 -24.33 3.28 8.41
C SER J 91 -23.29 4.38 8.21
N ARG J 92 -23.25 5.37 9.10
CA ARG J 92 -22.28 6.46 8.96
C ARG J 92 -20.90 6.08 9.49
N GLU J 93 -20.81 5.05 10.33
CA GLU J 93 -19.53 4.62 10.87
C GLU J 93 -18.73 3.76 9.90
N ILE J 94 -19.33 3.31 8.81
CA ILE J 94 -18.61 2.49 7.84
C ILE J 94 -17.97 3.33 6.75
N GLN J 95 -18.56 4.49 6.41
CA GLN J 95 -17.99 5.34 5.37
C GLN J 95 -16.68 5.99 5.81
N THR J 96 -16.44 6.11 7.11
CA THR J 96 -15.20 6.71 7.58
C THR J 96 -14.02 5.76 7.43
N ALA J 97 -14.25 4.46 7.67
CA ALA J 97 -13.16 3.49 7.54
C ALA J 97 -12.71 3.32 6.09
N VAL J 98 -13.63 3.49 5.14
CA VAL J 98 -13.25 3.38 3.73
C VAL J 98 -12.46 4.61 3.30
N ARG J 99 -12.83 5.78 3.81
CA ARG J 99 -12.12 7.00 3.45
C ARG J 99 -10.76 7.08 4.13
N LEU J 100 -10.63 6.50 5.33
CA LEU J 100 -9.35 6.52 6.04
C LEU J 100 -8.38 5.50 5.49
N LEU J 101 -8.86 4.36 5.02
CA LEU J 101 -7.98 3.32 4.48
C LEU J 101 -7.61 3.61 3.03
N LEU J 102 -8.61 3.75 2.17
CA LEU J 102 -8.34 4.03 0.76
C LEU J 102 -7.93 5.49 0.57
N PRO J 103 -7.01 5.76 -0.34
CA PRO J 103 -6.58 7.16 -0.57
C PRO J 103 -7.68 7.98 -1.23
N GLY J 104 -7.41 9.27 -1.36
CA GLY J 104 -8.37 10.17 -1.97
C GLY J 104 -8.57 9.98 -3.45
N GLU J 105 -7.63 9.30 -4.12
CA GLU J 105 -7.77 9.06 -5.55
C GLU J 105 -8.78 7.97 -5.87
N LEU J 106 -9.16 7.15 -4.89
CA LEU J 106 -10.13 6.08 -5.10
C LEU J 106 -11.22 6.07 -4.05
N ALA J 107 -11.35 7.13 -3.24
CA ALA J 107 -12.38 7.16 -2.22
C ALA J 107 -13.74 7.52 -2.78
N LYS J 108 -13.80 8.28 -3.88
CA LYS J 108 -15.06 8.67 -4.49
C LYS J 108 -15.67 7.56 -5.34
N HIS J 109 -14.90 6.51 -5.66
CA HIS J 109 -15.41 5.41 -6.46
C HIS J 109 -16.21 4.40 -5.65
N ALA J 110 -16.18 4.48 -4.33
CA ALA J 110 -16.91 3.55 -3.48
C ALA J 110 -18.23 4.11 -2.96
N VAL J 111 -18.43 5.42 -3.04
CA VAL J 111 -19.68 6.01 -2.55
C VAL J 111 -20.85 5.58 -3.42
N SER J 112 -20.64 5.48 -4.73
CA SER J 112 -21.71 5.05 -5.63
C SER J 112 -22.11 3.60 -5.37
N GLU J 113 -21.14 2.75 -5.00
CA GLU J 113 -21.47 1.36 -4.68
C GLU J 113 -22.07 1.23 -3.30
N GLY J 114 -21.69 2.10 -2.36
CA GLY J 114 -22.26 2.04 -1.03
C GLY J 114 -23.66 2.60 -0.92
N THR J 115 -23.98 3.60 -1.74
CA THR J 115 -25.32 4.18 -1.70
C THR J 115 -26.35 3.26 -2.33
N LYS J 116 -25.93 2.40 -3.25
CA LYS J 116 -26.87 1.47 -3.88
C LYS J 116 -27.36 0.42 -2.90
N ALA J 117 -26.50 0.01 -1.96
CA ALA J 117 -26.90 -0.95 -0.94
C ALA J 117 -27.79 -0.34 0.13
N VAL J 118 -27.75 0.98 0.28
CA VAL J 118 -28.60 1.66 1.26
C VAL J 118 -29.94 2.05 0.67
N THR J 119 -29.95 2.54 -0.57
CA THR J 119 -31.21 2.94 -1.20
C THR J 119 -32.08 1.73 -1.51
N LYS J 120 -31.48 0.57 -1.77
CA LYS J 120 -32.27 -0.62 -2.06
C LYS J 120 -32.97 -1.15 -0.81
N TYR J 121 -32.38 -0.97 0.36
CA TYR J 121 -32.97 -1.44 1.60
C TYR J 121 -34.13 -0.53 1.98
N THR J 122 -35.35 -1.04 1.88
CA THR J 122 -36.53 -0.26 2.21
C THR J 122 -36.73 -0.20 3.72
N SER J 123 -37.65 0.68 4.14
CA SER J 123 -37.98 0.88 5.56
C SER J 123 -36.73 1.25 6.36
N ALA J 124 -35.93 2.16 5.83
CA ALA J 124 -34.72 2.59 6.52
C ALA J 124 -34.35 4.04 6.26
N LYS J 125 -35.04 4.74 5.36
CA LYS J 125 -34.72 6.14 5.07
C LYS J 125 -35.39 7.07 6.07
#